data_6ISW
# 
_entry.id   6ISW 
# 
_audit_conform.dict_name       mmcif_pdbx.dic 
_audit_conform.dict_version    5.380 
_audit_conform.dict_location   http://mmcif.pdb.org/dictionaries/ascii/mmcif_pdbx.dic 
# 
loop_
_database_2.database_id 
_database_2.database_code 
_database_2.pdbx_database_accession 
_database_2.pdbx_DOI 
PDB   6ISW         pdb_00006isw 10.2210/pdb6isw/pdb 
WWPDB D_1300009680 ?            ?                   
# 
_pdbx_database_status.status_code                     REL 
_pdbx_database_status.status_code_sf                  REL 
_pdbx_database_status.status_code_mr                  ? 
_pdbx_database_status.entry_id                        6ISW 
_pdbx_database_status.recvd_initial_deposition_date   2018-11-19 
_pdbx_database_status.SG_entry                        N 
_pdbx_database_status.deposit_site                    PDBJ 
_pdbx_database_status.process_site                    PDBJ 
_pdbx_database_status.status_code_cs                  ? 
_pdbx_database_status.methods_development_category    ? 
_pdbx_database_status.pdb_format_compatible           Y 
_pdbx_database_status.status_code_nmr_data            ? 
# 
loop_
_audit_author.name 
_audit_author.pdbx_ordinal 
_audit_author.identifier_ORCID 
'Saikrishnan, K.'  1 ? 
'Nuthanakanti, A.' 2 ? 
'Srivatsan, S.G.'  3 ? 
'Ahmad, I.'        4 ? 
# 
_citation.abstract                  ? 
_citation.abstract_id_CAS           ? 
_citation.book_id_ISBN              ? 
_citation.book_publisher            ? 
_citation.book_publisher_city       ? 
_citation.book_title                ? 
_citation.coordinate_linkage        ? 
_citation.country                   UK 
_citation.database_id_Medline       ? 
_citation.details                   ? 
_citation.id                        primary 
_citation.journal_abbrev            'Nucleic Acids Res.' 
_citation.journal_id_ASTM           NARHAD 
_citation.journal_id_CSD            0389 
_citation.journal_id_ISSN           1362-4962 
_citation.journal_full              ? 
_citation.journal_issue             ? 
_citation.journal_volume            47 
_citation.language                  ? 
_citation.page_first                6059 
_citation.page_last                 6072 
_citation.title                     
'Probing G-quadruplex topologies and recognition concurrently in real time and 3D using a dual-app nucleoside probe.' 
_citation.year                      2019 
_citation.database_id_CSD           ? 
_citation.pdbx_database_id_DOI      10.1093/nar/gkz419 
_citation.pdbx_database_id_PubMed   31106340 
_citation.unpublished_flag          ? 
# 
loop_
_citation_author.citation_id 
_citation_author.name 
_citation_author.ordinal 
_citation_author.identifier_ORCID 
primary 'Nuthanakanti, A.' 1 ? 
primary 'Ahmed, I.'        2 ? 
primary 'Khatik, S.Y.'     3 ? 
primary 'Saikrishnan, K.'  4 ? 
primary 'Srivatsan, S.G.'  5 ? 
# 
_cell.angle_alpha                  90.00 
_cell.angle_alpha_esd              ? 
_cell.angle_beta                   90.00 
_cell.angle_beta_esd               ? 
_cell.angle_gamma                  90.00 
_cell.angle_gamma_esd              ? 
_cell.entry_id                     6ISW 
_cell.details                      ? 
_cell.formula_units_Z              ? 
_cell.length_a                     35.204 
_cell.length_a_esd                 ? 
_cell.length_b                     42.280 
_cell.length_b_esd                 ? 
_cell.length_c                     49.924 
_cell.length_c_esd                 ? 
_cell.volume                       ? 
_cell.volume_esd                   ? 
_cell.Z_PDB                        4 
_cell.reciprocal_angle_alpha       ? 
_cell.reciprocal_angle_beta        ? 
_cell.reciprocal_angle_gamma       ? 
_cell.reciprocal_angle_alpha_esd   ? 
_cell.reciprocal_angle_beta_esd    ? 
_cell.reciprocal_angle_gamma_esd   ? 
_cell.reciprocal_length_a          ? 
_cell.reciprocal_length_b          ? 
_cell.reciprocal_length_c          ? 
_cell.reciprocal_length_a_esd      ? 
_cell.reciprocal_length_b_esd      ? 
_cell.reciprocal_length_c_esd      ? 
_cell.pdbx_unique_axis             ? 
# 
_symmetry.entry_id                         6ISW 
_symmetry.cell_setting                     ? 
_symmetry.Int_Tables_number                18 
_symmetry.space_group_name_Hall            ? 
_symmetry.space_group_name_H-M             'P 21 2 21' 
_symmetry.pdbx_full_space_group_name_H-M   ? 
# 
loop_
_entity.id 
_entity.type 
_entity.src_method 
_entity.pdbx_description 
_entity.formula_weight 
_entity.pdbx_number_of_molecules 
_entity.pdbx_ec 
_entity.pdbx_mutation 
_entity.pdbx_fragment 
_entity.details 
1 polymer     syn 'DNA (22-MER)'  7082.490 1 ? ? ? ? 
2 non-polymer syn 'POTASSIUM ION' 39.098   3 ? ? ? ? 
# 
_entity_poly.entity_id                      1 
_entity_poly.type                           polydeoxyribonucleotide 
_entity_poly.nstd_linkage                   no 
_entity_poly.nstd_monomer                   yes 
_entity_poly.pdbx_seq_one_letter_code       
;(DA)(DG)(DG)(DG)(DT)(DT)(DA)(DG)(DG)(DG)(DT)(AWC)(DA)(DG)(DG)(DG)(DT)(DT)(DA)
(DG)(DG)(DG)
;
_entity_poly.pdbx_seq_one_letter_code_can   AGGGTTAGGGTXAGGGTTAGGG 
_entity_poly.pdbx_strand_id                 A 
_entity_poly.pdbx_target_identifier         ? 
# 
loop_
_entity_poly_seq.entity_id 
_entity_poly_seq.num 
_entity_poly_seq.mon_id 
_entity_poly_seq.hetero 
1 1  DA  n 
1 2  DG  n 
1 3  DG  n 
1 4  DG  n 
1 5  DT  n 
1 6  DT  n 
1 7  DA  n 
1 8  DG  n 
1 9  DG  n 
1 10 DG  n 
1 11 DT  n 
1 12 AWC n 
1 13 DA  n 
1 14 DG  n 
1 15 DG  n 
1 16 DG  n 
1 17 DT  n 
1 18 DT  n 
1 19 DA  n 
1 20 DG  n 
1 21 DG  n 
1 22 DG  n 
# 
_pdbx_entity_src_syn.entity_id              1 
_pdbx_entity_src_syn.pdbx_src_id            1 
_pdbx_entity_src_syn.pdbx_alt_source_flag   sample 
_pdbx_entity_src_syn.pdbx_beg_seq_num       1 
_pdbx_entity_src_syn.pdbx_end_seq_num       22 
_pdbx_entity_src_syn.organism_scientific    'Homo sapiens' 
_pdbx_entity_src_syn.organism_common_name   ? 
_pdbx_entity_src_syn.ncbi_taxonomy_id       9606 
_pdbx_entity_src_syn.details                ? 
# 
_struct_ref.id                         1 
_struct_ref.db_name                    PDB 
_struct_ref.db_code                    6ISW 
_struct_ref.pdbx_db_accession          6ISW 
_struct_ref.pdbx_db_isoform            ? 
_struct_ref.entity_id                  1 
_struct_ref.pdbx_seq_one_letter_code   ? 
_struct_ref.pdbx_align_begin           1 
# 
_struct_ref_seq.align_id                      1 
_struct_ref_seq.ref_id                        1 
_struct_ref_seq.pdbx_PDB_id_code              6ISW 
_struct_ref_seq.pdbx_strand_id                A 
_struct_ref_seq.seq_align_beg                 1 
_struct_ref_seq.pdbx_seq_align_beg_ins_code   ? 
_struct_ref_seq.seq_align_end                 22 
_struct_ref_seq.pdbx_seq_align_end_ins_code   ? 
_struct_ref_seq.pdbx_db_accession             6ISW 
_struct_ref_seq.db_align_beg                  1 
_struct_ref_seq.pdbx_db_align_beg_ins_code    ? 
_struct_ref_seq.db_align_end                  22 
_struct_ref_seq.pdbx_db_align_end_ins_code    ? 
_struct_ref_seq.pdbx_auth_seq_align_beg       1 
_struct_ref_seq.pdbx_auth_seq_align_end       22 
# 
loop_
_chem_comp.id 
_chem_comp.type 
_chem_comp.mon_nstd_flag 
_chem_comp.name 
_chem_comp.pdbx_synonyms 
_chem_comp.formula 
_chem_comp.formula_weight 
AWC 'DNA linking' . "2'-deoxy-5'-O-[(R)-hydroxy(oxo)-lambda~5~-phosphanyl]-5-selenophen-2-yluridine" ? 'C13 H15 N2 O7 P Se' 
421.201 
DA  'DNA linking' y "2'-DEOXYADENOSINE-5'-MONOPHOSPHATE"                                             ? 'C10 H14 N5 O6 P'    
331.222 
DG  'DNA linking' y "2'-DEOXYGUANOSINE-5'-MONOPHOSPHATE"                                             ? 'C10 H14 N5 O7 P'    
347.221 
DT  'DNA linking' y "THYMIDINE-5'-MONOPHOSPHATE"                                                     ? 'C10 H15 N2 O8 P'    
322.208 
K   non-polymer   . 'POTASSIUM ION'                                                                  ? 'K 1'                39.098 
# 
_exptl.absorpt_coefficient_mu     ? 
_exptl.absorpt_correction_T_max   ? 
_exptl.absorpt_correction_T_min   ? 
_exptl.absorpt_correction_type    ? 
_exptl.absorpt_process_details    ? 
_exptl.entry_id                   6ISW 
_exptl.crystals_number            1 
_exptl.details                    ? 
_exptl.method                     'X-RAY DIFFRACTION' 
_exptl.method_details             ? 
# 
_exptl_crystal.colour                      ? 
_exptl_crystal.density_diffrn              ? 
_exptl_crystal.density_Matthews            2.61 
_exptl_crystal.density_method              ? 
_exptl_crystal.density_percent_sol         52.89 
_exptl_crystal.description                 ? 
_exptl_crystal.F_000                       ? 
_exptl_crystal.id                          1 
_exptl_crystal.preparation                 ? 
_exptl_crystal.size_max                    ? 
_exptl_crystal.size_mid                    ? 
_exptl_crystal.size_min                    ? 
_exptl_crystal.size_rad                    ? 
_exptl_crystal.colour_lustre               ? 
_exptl_crystal.colour_modifier             ? 
_exptl_crystal.colour_primary              ? 
_exptl_crystal.density_meas                ? 
_exptl_crystal.density_meas_esd            ? 
_exptl_crystal.density_meas_gt             ? 
_exptl_crystal.density_meas_lt             ? 
_exptl_crystal.density_meas_temp           ? 
_exptl_crystal.density_meas_temp_esd       ? 
_exptl_crystal.density_meas_temp_gt        ? 
_exptl_crystal.density_meas_temp_lt        ? 
_exptl_crystal.pdbx_crystal_image_url      ? 
_exptl_crystal.pdbx_crystal_image_format   ? 
_exptl_crystal.pdbx_mosaicity              ? 
_exptl_crystal.pdbx_mosaicity_esd          ? 
# 
_exptl_crystal_grow.apparatus       ? 
_exptl_crystal_grow.atmosphere      ? 
_exptl_crystal_grow.crystal_id      1 
_exptl_crystal_grow.details         ? 
_exptl_crystal_grow.method          'VAPOR DIFFUSION, HANGING DROP' 
_exptl_crystal_grow.method_ref      ? 
_exptl_crystal_grow.pH              ? 
_exptl_crystal_grow.pressure        ? 
_exptl_crystal_grow.pressure_esd    ? 
_exptl_crystal_grow.seeding         ? 
_exptl_crystal_grow.seeding_ref     ? 
_exptl_crystal_grow.temp            291 
_exptl_crystal_grow.temp_details    ? 
_exptl_crystal_grow.temp_esd        ? 
_exptl_crystal_grow.time            ? 
_exptl_crystal_grow.pdbx_details    
'0.05M potassium cacodylate (pH = 7.2), 0.7M ammonium sulfate, 0.05M KCl, 0.01M CaCl2 and 12.5% PEG400.' 
_exptl_crystal_grow.pdbx_pH_range   ? 
# 
_diffrn.ambient_environment              ? 
_diffrn.ambient_temp                     100 
_diffrn.ambient_temp_details             ? 
_diffrn.ambient_temp_esd                 ? 
_diffrn.crystal_id                       1 
_diffrn.crystal_support                  ? 
_diffrn.crystal_treatment                ? 
_diffrn.details                          ? 
_diffrn.id                               1 
_diffrn.ambient_pressure                 ? 
_diffrn.ambient_pressure_esd             ? 
_diffrn.ambient_pressure_gt              ? 
_diffrn.ambient_pressure_lt              ? 
_diffrn.ambient_temp_gt                  ? 
_diffrn.ambient_temp_lt                  ? 
_diffrn.pdbx_serial_crystal_experiment   N 
# 
_diffrn_detector.details                      ? 
_diffrn_detector.detector                     PIXEL 
_diffrn_detector.diffrn_id                    1 
_diffrn_detector.type                         'DECTRIS PILATUS 6M-F' 
_diffrn_detector.area_resol_mean              ? 
_diffrn_detector.dtime                        ? 
_diffrn_detector.pdbx_frames_total            ? 
_diffrn_detector.pdbx_collection_time_total   ? 
_diffrn_detector.pdbx_collection_date         2016-06-24 
_diffrn_detector.pdbx_frequency               ? 
# 
_diffrn_radiation.collimation                      ? 
_diffrn_radiation.diffrn_id                        1 
_diffrn_radiation.filter_edge                      ? 
_diffrn_radiation.inhomogeneity                    ? 
_diffrn_radiation.monochromator                    ? 
_diffrn_radiation.polarisn_norm                    ? 
_diffrn_radiation.polarisn_ratio                   ? 
_diffrn_radiation.probe                            ? 
_diffrn_radiation.type                             ? 
_diffrn_radiation.xray_symbol                      ? 
_diffrn_radiation.wavelength_id                    1 
_diffrn_radiation.pdbx_monochromatic_or_laue_m_l   M 
_diffrn_radiation.pdbx_wavelength_list             ? 
_diffrn_radiation.pdbx_wavelength                  ? 
_diffrn_radiation.pdbx_diffrn_protocol             'SINGLE WAVELENGTH' 
_diffrn_radiation.pdbx_analyzer                    ? 
_diffrn_radiation.pdbx_scattering_type             x-ray 
# 
_diffrn_radiation_wavelength.id           1 
_diffrn_radiation_wavelength.wavelength   0.9792 
_diffrn_radiation_wavelength.wt           1.0 
# 
_diffrn_source.current                     ? 
_diffrn_source.details                     ? 
_diffrn_source.diffrn_id                   1 
_diffrn_source.power                       ? 
_diffrn_source.size                        ? 
_diffrn_source.source                      SYNCHROTRON 
_diffrn_source.target                      ? 
_diffrn_source.type                        'ESRF BEAMLINE ID30B' 
_diffrn_source.voltage                     ? 
_diffrn_source.take-off_angle              ? 
_diffrn_source.pdbx_wavelength_list        0.9792 
_diffrn_source.pdbx_wavelength             ? 
_diffrn_source.pdbx_synchrotron_beamline   ID30B 
_diffrn_source.pdbx_synchrotron_site       ESRF 
# 
_reflns.B_iso_Wilson_estimate            ? 
_reflns.entry_id                         6ISW 
_reflns.data_reduction_details           ? 
_reflns.data_reduction_method            ? 
_reflns.d_resolution_high                2.30 
_reflns.d_resolution_low                 42.28 
_reflns.details                          ? 
_reflns.limit_h_max                      ? 
_reflns.limit_h_min                      ? 
_reflns.limit_k_max                      ? 
_reflns.limit_k_min                      ? 
_reflns.limit_l_max                      ? 
_reflns.limit_l_min                      ? 
_reflns.number_all                       ? 
_reflns.number_obs                       7204 
_reflns.observed_criterion               ? 
_reflns.observed_criterion_F_max         ? 
_reflns.observed_criterion_F_min         ? 
_reflns.observed_criterion_I_max         ? 
_reflns.observed_criterion_I_min         ? 
_reflns.observed_criterion_sigma_F       ? 
_reflns.observed_criterion_sigma_I       ? 
_reflns.percent_possible_obs             99.7 
_reflns.R_free_details                   ? 
_reflns.Rmerge_F_all                     ? 
_reflns.Rmerge_F_obs                     ? 
_reflns.Friedel_coverage                 ? 
_reflns.number_gt                        ? 
_reflns.threshold_expression             ? 
_reflns.pdbx_redundancy                  12.7 
_reflns.pdbx_Rmerge_I_obs                0.119 
_reflns.pdbx_Rmerge_I_all                ? 
_reflns.pdbx_Rsym_value                  ? 
_reflns.pdbx_netI_over_av_sigmaI         ? 
_reflns.pdbx_netI_over_sigmaI            13.9 
_reflns.pdbx_res_netI_over_av_sigmaI_2   ? 
_reflns.pdbx_res_netI_over_sigmaI_2      ? 
_reflns.pdbx_chi_squared                 ? 
_reflns.pdbx_scaling_rejects             ? 
_reflns.pdbx_d_res_high_opt              ? 
_reflns.pdbx_d_res_low_opt               ? 
_reflns.pdbx_d_res_opt_method            ? 
_reflns.phase_calculation_details        ? 
_reflns.pdbx_Rrim_I_all                  ? 
_reflns.pdbx_Rpim_I_all                  ? 
_reflns.pdbx_d_opt                       ? 
_reflns.pdbx_number_measured_all         ? 
_reflns.pdbx_diffrn_id                   1 
_reflns.pdbx_ordinal                     1 
_reflns.pdbx_CC_half                     ? 
_reflns.pdbx_R_split                     ? 
# 
_reflns_shell.d_res_high                  2.3 
_reflns_shell.d_res_low                   2.38 
_reflns_shell.meanI_over_sigI_all         ? 
_reflns_shell.meanI_over_sigI_obs         3.7 
_reflns_shell.number_measured_all         ? 
_reflns_shell.number_measured_obs         ? 
_reflns_shell.number_possible             ? 
_reflns_shell.number_unique_all           ? 
_reflns_shell.number_unique_obs           341 
_reflns_shell.percent_possible_all        ? 
_reflns_shell.percent_possible_obs        ? 
_reflns_shell.Rmerge_F_all                ? 
_reflns_shell.Rmerge_F_obs                ? 
_reflns_shell.Rmerge_I_all                ? 
_reflns_shell.Rmerge_I_obs                0.744 
_reflns_shell.meanI_over_sigI_gt          ? 
_reflns_shell.meanI_over_uI_all           ? 
_reflns_shell.meanI_over_uI_gt            ? 
_reflns_shell.number_measured_gt          ? 
_reflns_shell.number_unique_gt            ? 
_reflns_shell.percent_possible_gt         ? 
_reflns_shell.Rmerge_F_gt                 ? 
_reflns_shell.Rmerge_I_gt                 ? 
_reflns_shell.pdbx_redundancy             ? 
_reflns_shell.pdbx_Rsym_value             0.759 
_reflns_shell.pdbx_chi_squared            ? 
_reflns_shell.pdbx_netI_over_sigmaI_all   ? 
_reflns_shell.pdbx_netI_over_sigmaI_obs   ? 
_reflns_shell.pdbx_Rrim_I_all             ? 
_reflns_shell.pdbx_Rpim_I_all             ? 
_reflns_shell.pdbx_rejects                ? 
_reflns_shell.pdbx_ordinal                1 
_reflns_shell.pdbx_diffrn_id              1 
_reflns_shell.pdbx_CC_half                ? 
_reflns_shell.pdbx_R_split                ? 
# 
_refine.aniso_B[1][1]                            ? 
_refine.aniso_B[1][2]                            ? 
_refine.aniso_B[1][3]                            ? 
_refine.aniso_B[2][2]                            ? 
_refine.aniso_B[2][3]                            ? 
_refine.aniso_B[3][3]                            ? 
_refine.B_iso_max                                ? 
_refine.B_iso_mean                               ? 
_refine.B_iso_min                                ? 
_refine.correlation_coeff_Fo_to_Fc               ? 
_refine.correlation_coeff_Fo_to_Fc_free          ? 
_refine.details                                  'SF FILE CONTAINS FRIEDEL PAIRS UNDER F_MINUS AND F_PLUS COLUMNS.' 
_refine.diff_density_max                         ? 
_refine.diff_density_max_esd                     ? 
_refine.diff_density_min                         ? 
_refine.diff_density_min_esd                     ? 
_refine.diff_density_rms                         ? 
_refine.diff_density_rms_esd                     ? 
_refine.entry_id                                 6ISW 
_refine.pdbx_refine_id                           'X-RAY DIFFRACTION' 
_refine.ls_abs_structure_details                 ? 
_refine.ls_abs_structure_Flack                   ? 
_refine.ls_abs_structure_Flack_esd               ? 
_refine.ls_abs_structure_Rogers                  ? 
_refine.ls_abs_structure_Rogers_esd              ? 
_refine.ls_d_res_high                            2.300 
_refine.ls_d_res_low                             42.280 
_refine.ls_extinction_coef                       ? 
_refine.ls_extinction_coef_esd                   ? 
_refine.ls_extinction_expression                 ? 
_refine.ls_extinction_method                     ? 
_refine.ls_goodness_of_fit_all                   ? 
_refine.ls_goodness_of_fit_all_esd               ? 
_refine.ls_goodness_of_fit_obs                   ? 
_refine.ls_goodness_of_fit_obs_esd               ? 
_refine.ls_hydrogen_treatment                    ? 
_refine.ls_matrix_type                           ? 
_refine.ls_number_constraints                    ? 
_refine.ls_number_parameters                     ? 
_refine.ls_number_reflns_all                     ? 
_refine.ls_number_reflns_obs                     6301 
_refine.ls_number_reflns_R_free                  318 
_refine.ls_number_reflns_R_work                  ? 
_refine.ls_number_restraints                     ? 
_refine.ls_percent_reflns_obs                    98.30 
_refine.ls_percent_reflns_R_free                 5.05 
_refine.ls_R_factor_all                          ? 
_refine.ls_R_factor_obs                          0.2530 
_refine.ls_R_factor_R_free                       0.2827 
_refine.ls_R_factor_R_free_error                 ? 
_refine.ls_R_factor_R_free_error_details         ? 
_refine.ls_R_factor_R_work                       0.2515 
_refine.ls_R_Fsqd_factor_obs                     ? 
_refine.ls_R_I_factor_obs                        ? 
_refine.ls_redundancy_reflns_all                 ? 
_refine.ls_redundancy_reflns_obs                 ? 
_refine.ls_restrained_S_all                      ? 
_refine.ls_restrained_S_obs                      ? 
_refine.ls_shift_over_esd_max                    ? 
_refine.ls_shift_over_esd_mean                   ? 
_refine.ls_structure_factor_coef                 ? 
_refine.ls_weighting_details                     ? 
_refine.ls_weighting_scheme                      ? 
_refine.ls_wR_factor_all                         ? 
_refine.ls_wR_factor_obs                         ? 
_refine.ls_wR_factor_R_free                      ? 
_refine.ls_wR_factor_R_work                      ? 
_refine.occupancy_max                            ? 
_refine.occupancy_min                            ? 
_refine.solvent_model_details                    ? 
_refine.solvent_model_param_bsol                 ? 
_refine.solvent_model_param_ksol                 ? 
_refine.ls_R_factor_gt                           ? 
_refine.ls_goodness_of_fit_gt                    ? 
_refine.ls_goodness_of_fit_ref                   ? 
_refine.ls_shift_over_su_max                     ? 
_refine.ls_shift_over_su_max_lt                  ? 
_refine.ls_shift_over_su_mean                    ? 
_refine.ls_shift_over_su_mean_lt                 ? 
_refine.pdbx_ls_sigma_I                          ? 
_refine.pdbx_ls_sigma_F                          1.94 
_refine.pdbx_ls_sigma_Fsqd                       ? 
_refine.pdbx_data_cutoff_high_absF               ? 
_refine.pdbx_data_cutoff_high_rms_absF           ? 
_refine.pdbx_data_cutoff_low_absF                ? 
_refine.pdbx_isotropic_thermal_model             ? 
_refine.pdbx_ls_cross_valid_method               'FREE R-VALUE' 
_refine.pdbx_method_to_determine_struct          'MOLECULAR REPLACEMENT' 
_refine.pdbx_starting_model                      1KF1 
_refine.pdbx_stereochemistry_target_values       ? 
_refine.pdbx_R_Free_selection_details            ? 
_refine.pdbx_stereochem_target_val_spec_case     ? 
_refine.pdbx_overall_ESU_R                       ? 
_refine.pdbx_overall_ESU_R_Free                  ? 
_refine.pdbx_solvent_vdw_probe_radii             1.11 
_refine.pdbx_solvent_ion_probe_radii             ? 
_refine.pdbx_solvent_shrinkage_radii             0.90 
_refine.pdbx_real_space_R                        ? 
_refine.pdbx_density_correlation                 ? 
_refine.pdbx_pd_number_of_powder_patterns        ? 
_refine.pdbx_pd_number_of_points                 ? 
_refine.pdbx_pd_meas_number_of_points            ? 
_refine.pdbx_pd_proc_ls_prof_R_factor            ? 
_refine.pdbx_pd_proc_ls_prof_wR_factor           ? 
_refine.pdbx_pd_Marquardt_correlation_coeff      ? 
_refine.pdbx_pd_Fsqrd_R_factor                   ? 
_refine.pdbx_pd_ls_matrix_band_width             ? 
_refine.pdbx_overall_phase_error                 34.78 
_refine.pdbx_overall_SU_R_free_Cruickshank_DPI   ? 
_refine.pdbx_overall_SU_R_free_Blow_DPI          ? 
_refine.pdbx_overall_SU_R_Blow_DPI               ? 
_refine.pdbx_TLS_residual_ADP_flag               ? 
_refine.pdbx_diffrn_id                           1 
_refine.overall_SU_B                             ? 
_refine.overall_SU_ML                            0.10 
_refine.overall_SU_R_Cruickshank_DPI             ? 
_refine.overall_SU_R_free                        ? 
_refine.overall_FOM_free_R_set                   ? 
_refine.overall_FOM_work_R_set                   ? 
_refine.pdbx_average_fsc_overall                 ? 
_refine.pdbx_average_fsc_work                    ? 
_refine.pdbx_average_fsc_free                    ? 
# 
_refine_hist.pdbx_refine_id                   'X-RAY DIFFRACTION' 
_refine_hist.cycle_id                         LAST 
_refine_hist.pdbx_number_atoms_protein        0 
_refine_hist.pdbx_number_atoms_nucleic_acid   469 
_refine_hist.pdbx_number_atoms_ligand         3 
_refine_hist.number_atoms_solvent             0 
_refine_hist.number_atoms_total               472 
_refine_hist.d_res_high                       2.300 
_refine_hist.d_res_low                        42.280 
# 
loop_
_refine_ls_restr.pdbx_refine_id 
_refine_ls_restr.criterion 
_refine_ls_restr.dev_ideal 
_refine_ls_restr.dev_ideal_target 
_refine_ls_restr.number 
_refine_ls_restr.rejects 
_refine_ls_restr.type 
_refine_ls_restr.weight 
_refine_ls_restr.pdbx_restraint_function 
'X-RAY DIFFRACTION' ? 0.003  ? 529 ? f_bond_d           ? ? 
'X-RAY DIFFRACTION' ? 0.612  ? 819 ? f_angle_d          ? ? 
'X-RAY DIFFRACTION' ? 31.259 ? 212 ? f_dihedral_angle_d ? ? 
'X-RAY DIFFRACTION' ? 0.021  ? 86  ? f_chiral_restr     ? ? 
'X-RAY DIFFRACTION' ? 0.001  ? 23  ? f_plane_restr      ? ? 
# 
loop_
_refine_ls_shell.pdbx_refine_id 
_refine_ls_shell.d_res_high 
_refine_ls_shell.d_res_low 
_refine_ls_shell.number_reflns_all 
_refine_ls_shell.number_reflns_obs 
_refine_ls_shell.number_reflns_R_free 
_refine_ls_shell.number_reflns_R_work 
_refine_ls_shell.percent_reflns_obs 
_refine_ls_shell.percent_reflns_R_free 
_refine_ls_shell.R_factor_all 
_refine_ls_shell.R_factor_obs 
_refine_ls_shell.R_factor_R_free 
_refine_ls_shell.R_factor_R_free_error 
_refine_ls_shell.R_factor_R_work 
_refine_ls_shell.redundancy_reflns_all 
_refine_ls_shell.redundancy_reflns_obs 
_refine_ls_shell.wR_factor_all 
_refine_ls_shell.wR_factor_obs 
_refine_ls_shell.wR_factor_R_free 
_refine_ls_shell.wR_factor_R_work 
_refine_ls_shell.pdbx_total_number_of_bins_used 
_refine_ls_shell.pdbx_phase_error 
_refine_ls_shell.pdbx_fsc_work 
_refine_ls_shell.pdbx_fsc_free 
'X-RAY DIFFRACTION' 2.3000 2.8977  . . 160 2950 97.00  . . . 0.3195 . 0.3200 . . . . . . . . . . 
'X-RAY DIFFRACTION' 2.8977 42.2871 . . 158 3033 100.00 . . . 0.2739 . 0.2362 . . . . . . . . . . 
# 
_struct.entry_id                     6ISW 
_struct.title                        'Structure of human telomeric DNA with 5-selenophene-modified deoxyuridine at residue 12' 
_struct.pdbx_model_details           ? 
_struct.pdbx_formula_weight          ? 
_struct.pdbx_formula_weight_method   ? 
_struct.pdbx_model_type_details      ? 
_struct.pdbx_CASP_flag               N 
# 
_struct_keywords.entry_id        6ISW 
_struct_keywords.text            'Human telomere, parallel G-quadruplex, DNA' 
_struct_keywords.pdbx_keywords   DNA 
# 
loop_
_struct_asym.id 
_struct_asym.pdbx_blank_PDB_chainid_flag 
_struct_asym.pdbx_modified 
_struct_asym.entity_id 
_struct_asym.details 
A N N 1 ? 
B N N 2 ? 
C N N 2 ? 
D N N 2 ? 
# 
loop_
_struct_conn.id 
_struct_conn.conn_type_id 
_struct_conn.pdbx_leaving_atom_flag 
_struct_conn.pdbx_PDB_id 
_struct_conn.ptnr1_label_asym_id 
_struct_conn.ptnr1_label_comp_id 
_struct_conn.ptnr1_label_seq_id 
_struct_conn.ptnr1_label_atom_id 
_struct_conn.pdbx_ptnr1_label_alt_id 
_struct_conn.pdbx_ptnr1_PDB_ins_code 
_struct_conn.pdbx_ptnr1_standard_comp_id 
_struct_conn.ptnr1_symmetry 
_struct_conn.ptnr2_label_asym_id 
_struct_conn.ptnr2_label_comp_id 
_struct_conn.ptnr2_label_seq_id 
_struct_conn.ptnr2_label_atom_id 
_struct_conn.pdbx_ptnr2_label_alt_id 
_struct_conn.pdbx_ptnr2_PDB_ins_code 
_struct_conn.ptnr1_auth_asym_id 
_struct_conn.ptnr1_auth_comp_id 
_struct_conn.ptnr1_auth_seq_id 
_struct_conn.ptnr2_auth_asym_id 
_struct_conn.ptnr2_auth_comp_id 
_struct_conn.ptnr2_auth_seq_id 
_struct_conn.ptnr2_symmetry 
_struct_conn.pdbx_ptnr3_label_atom_id 
_struct_conn.pdbx_ptnr3_label_seq_id 
_struct_conn.pdbx_ptnr3_label_comp_id 
_struct_conn.pdbx_ptnr3_label_asym_id 
_struct_conn.pdbx_ptnr3_label_alt_id 
_struct_conn.pdbx_ptnr3_PDB_ins_code 
_struct_conn.details 
_struct_conn.pdbx_dist_value 
_struct_conn.pdbx_value_order 
_struct_conn.pdbx_role 
covale1  covale one ? A DT  11 "O3'" ? ? ? 1_555 A AWC 12 P  d ? A DT  11 A AWC 12  1_555 ? ? ? ? ? ? ?           1.593 ? ? 
covale2  covale one ? A AWC 12 "O3'" d ? ? 1_555 A DA  13 P  ? ? A AWC 12 A DA  13  1_555 ? ? ? ? ? ? ?           1.619 ? ? 
metalc1  metalc ?   ? A DG  2  O6    ? ? ? 1_555 C K   .  K  ? ? A DG  2  A K   102 1_555 ? ? ? ? ? ? ?           2.890 ? ? 
metalc2  metalc ?   ? A DG  2  O6    ? ? ? 1_555 D K   .  K  ? ? A DG  2  A K   103 1_555 ? ? ? ? ? ? ?           2.921 ? ? 
metalc3  metalc ?   ? A DG  2  O6    ? ? ? 1_555 D K   .  K  ? ? A DG  2  A K   103 2_855 ? ? ? ? ? ? ?           2.919 ? ? 
metalc4  metalc ?   ? A DG  3  O6    ? ? ? 1_555 B K   .  K  ? ? A DG  3  A K   101 1_555 ? ? ? ? ? ? ?           2.919 ? ? 
metalc5  metalc ?   ? A DG  3  O6    ? ? ? 1_555 C K   .  K  ? ? A DG  3  A K   102 1_555 ? ? ? ? ? ? ?           2.897 ? ? 
metalc6  metalc ?   ? A DG  4  O6    ? ? ? 1_555 B K   .  K  ? ? A DG  4  A K   101 1_555 ? ? ? ? ? ? ?           2.905 ? ? 
metalc7  metalc ?   ? A DG  8  O6    ? ? ? 1_555 C K   .  K  ? ? A DG  8  A K   102 1_555 ? ? ? ? ? ? ?           2.864 ? ? 
metalc8  metalc ?   ? A DG  8  O6    ? ? ? 1_555 D K   .  K  ? ? A DG  8  A K   103 1_555 ? ? ? ? ? ? ?           2.851 ? ? 
metalc9  metalc ?   ? A DG  8  O6    ? ? ? 1_555 D K   .  K  ? ? A DG  8  A K   103 2_855 ? ? ? ? ? ? ?           2.851 ? ? 
metalc10 metalc ?   ? A DG  9  O6    ? ? ? 1_555 B K   .  K  ? ? A DG  9  A K   101 1_555 ? ? ? ? ? ? ?           2.926 ? ? 
metalc11 metalc ?   ? A DG  9  O6    ? ? ? 1_555 C K   .  K  ? ? A DG  9  A K   102 1_555 ? ? ? ? ? ? ?           2.826 ? ? 
metalc12 metalc ?   ? A DG  10 O6    ? ? ? 1_555 B K   .  K  ? ? A DG  10 A K   101 1_555 ? ? ? ? ? ? ?           2.882 ? ? 
metalc13 metalc ?   ? A DG  14 O6    ? ? ? 1_555 C K   .  K  ? ? A DG  14 A K   102 1_555 ? ? ? ? ? ? ?           2.902 ? ? 
metalc14 metalc ?   ? A DG  14 O6    ? ? ? 1_555 D K   .  K  ? ? A DG  14 A K   103 1_555 ? ? ? ? ? ? ?           2.880 ? ? 
metalc15 metalc ?   ? A DG  14 O6    ? ? ? 1_555 D K   .  K  ? ? A DG  14 A K   103 2_855 ? ? ? ? ? ? ?           2.880 ? ? 
metalc16 metalc ?   ? A DG  15 O6    ? ? ? 1_555 B K   .  K  ? ? A DG  15 A K   101 1_555 ? ? ? ? ? ? ?           2.898 ? ? 
metalc17 metalc ?   ? A DG  15 O6    ? ? ? 1_555 C K   .  K  ? ? A DG  15 A K   102 1_555 ? ? ? ? ? ? ?           2.854 ? ? 
metalc18 metalc ?   ? A DG  16 O6    ? ? ? 1_555 B K   .  K  ? ? A DG  16 A K   101 1_555 ? ? ? ? ? ? ?           2.948 ? ? 
metalc19 metalc ?   ? A DG  20 O6    ? ? ? 1_555 C K   .  K  ? ? A DG  20 A K   102 1_555 ? ? ? ? ? ? ?           2.862 ? ? 
metalc20 metalc ?   ? A DG  20 O6    ? ? ? 1_555 D K   .  K  ? ? A DG  20 A K   103 1_555 ? ? ? ? ? ? ?           2.863 ? ? 
metalc21 metalc ?   ? A DG  20 O6    ? ? ? 1_555 D K   .  K  ? ? A DG  20 A K   103 2_855 ? ? ? ? ? ? ?           2.862 ? ? 
metalc22 metalc ?   ? A DG  21 O6    ? ? ? 1_555 B K   .  K  ? ? A DG  21 A K   101 1_555 ? ? ? ? ? ? ?           2.943 ? ? 
metalc23 metalc ?   ? A DG  21 O6    ? ? ? 1_555 C K   .  K  ? ? A DG  21 A K   102 1_555 ? ? ? ? ? ? ?           2.848 ? ? 
metalc24 metalc ?   ? A DG  22 O6    ? ? ? 1_555 B K   .  K  ? ? A DG  22 A K   101 1_555 ? ? ? ? ? ? ?           2.872 ? ? 
hydrog1  hydrog ?   ? A DG  2  N1    ? ? ? 1_555 A DG  8  O6 ? ? A DG  2  A DG  8   1_555 ? ? ? ? ? ? TYPE_6_PAIR ?     ? ? 
hydrog2  hydrog ?   ? A DG  2  N2    ? ? ? 1_555 A DG  8  N7 ? ? A DG  2  A DG  8   1_555 ? ? ? ? ? ? TYPE_6_PAIR ?     ? ? 
hydrog3  hydrog ?   ? A DG  2  N7    ? ? ? 1_555 A DG  20 N2 ? ? A DG  2  A DG  20  1_555 ? ? ? ? ? ? TYPE_6_PAIR ?     ? ? 
hydrog4  hydrog ?   ? A DG  2  O6    ? ? ? 1_555 A DG  20 N1 ? ? A DG  2  A DG  20  1_555 ? ? ? ? ? ? TYPE_6_PAIR ?     ? ? 
hydrog5  hydrog ?   ? A DG  3  N1    ? ? ? 1_555 A DG  9  O6 ? ? A DG  3  A DG  9   1_555 ? ? ? ? ? ? TYPE_6_PAIR ?     ? ? 
hydrog6  hydrog ?   ? A DG  3  N2    ? ? ? 1_555 A DG  9  N7 ? ? A DG  3  A DG  9   1_555 ? ? ? ? ? ? TYPE_6_PAIR ?     ? ? 
hydrog7  hydrog ?   ? A DG  3  N7    ? ? ? 1_555 A DG  21 N2 ? ? A DG  3  A DG  21  1_555 ? ? ? ? ? ? TYPE_6_PAIR ?     ? ? 
hydrog8  hydrog ?   ? A DG  3  O6    ? ? ? 1_555 A DG  21 N1 ? ? A DG  3  A DG  21  1_555 ? ? ? ? ? ? TYPE_6_PAIR ?     ? ? 
hydrog9  hydrog ?   ? A DG  4  N1    ? ? ? 1_555 A DG  10 O6 ? ? A DG  4  A DG  10  1_555 ? ? ? ? ? ? TYPE_6_PAIR ?     ? ? 
hydrog10 hydrog ?   ? A DG  4  N2    ? ? ? 1_555 A DG  10 N7 ? ? A DG  4  A DG  10  1_555 ? ? ? ? ? ? TYPE_6_PAIR ?     ? ? 
hydrog11 hydrog ?   ? A DG  4  N7    ? ? ? 1_555 A DG  22 N2 ? ? A DG  4  A DG  22  1_555 ? ? ? ? ? ? TYPE_6_PAIR ?     ? ? 
hydrog12 hydrog ?   ? A DG  4  O6    ? ? ? 1_555 A DG  22 N1 ? ? A DG  4  A DG  22  1_555 ? ? ? ? ? ? TYPE_6_PAIR ?     ? ? 
hydrog13 hydrog ?   ? A DG  8  N1    ? ? ? 1_555 A DG  14 O6 ? ? A DG  8  A DG  14  1_555 ? ? ? ? ? ? TYPE_6_PAIR ?     ? ? 
hydrog14 hydrog ?   ? A DG  8  N2    ? ? ? 1_555 A DG  14 N7 ? ? A DG  8  A DG  14  1_555 ? ? ? ? ? ? TYPE_6_PAIR ?     ? ? 
hydrog15 hydrog ?   ? A DG  9  N1    ? ? ? 1_555 A DG  15 O6 ? ? A DG  9  A DG  15  1_555 ? ? ? ? ? ? TYPE_6_PAIR ?     ? ? 
hydrog16 hydrog ?   ? A DG  9  N2    ? ? ? 1_555 A DG  15 N7 ? ? A DG  9  A DG  15  1_555 ? ? ? ? ? ? TYPE_6_PAIR ?     ? ? 
hydrog17 hydrog ?   ? A DG  10 N1    ? ? ? 1_555 A DG  16 O6 ? ? A DG  10 A DG  16  1_555 ? ? ? ? ? ? TYPE_6_PAIR ?     ? ? 
hydrog18 hydrog ?   ? A DG  10 N2    ? ? ? 1_555 A DG  16 N7 ? ? A DG  10 A DG  16  1_555 ? ? ? ? ? ? TYPE_6_PAIR ?     ? ? 
hydrog19 hydrog ?   ? A DG  14 N1    ? ? ? 1_555 A DG  20 O6 ? ? A DG  14 A DG  20  1_555 ? ? ? ? ? ? TYPE_6_PAIR ?     ? ? 
hydrog20 hydrog ?   ? A DG  14 N2    ? ? ? 1_555 A DG  20 N7 ? ? A DG  14 A DG  20  1_555 ? ? ? ? ? ? TYPE_6_PAIR ?     ? ? 
hydrog21 hydrog ?   ? A DG  15 N1    ? ? ? 1_555 A DG  21 O6 ? ? A DG  15 A DG  21  1_555 ? ? ? ? ? ? TYPE_6_PAIR ?     ? ? 
hydrog22 hydrog ?   ? A DG  15 N2    ? ? ? 1_555 A DG  21 N7 ? ? A DG  15 A DG  21  1_555 ? ? ? ? ? ? TYPE_6_PAIR ?     ? ? 
hydrog23 hydrog ?   ? A DG  16 N1    ? ? ? 1_555 A DG  22 O6 ? ? A DG  16 A DG  22  1_555 ? ? ? ? ? ? TYPE_6_PAIR ?     ? ? 
hydrog24 hydrog ?   ? A DG  16 N2    ? ? ? 1_555 A DG  22 N7 ? ? A DG  16 A DG  22  1_555 ? ? ? ? ? ? TYPE_6_PAIR ?     ? ? 
# 
loop_
_struct_conn_type.id 
_struct_conn_type.criteria 
_struct_conn_type.reference 
covale ? ? 
metalc ? ? 
hydrog ? ? 
# 
loop_
_struct_site.id 
_struct_site.pdbx_evidence_code 
_struct_site.pdbx_auth_asym_id 
_struct_site.pdbx_auth_comp_id 
_struct_site.pdbx_auth_seq_id 
_struct_site.pdbx_auth_ins_code 
_struct_site.pdbx_num_residues 
_struct_site.details 
AC1 Software A K 101 ? 9  'binding site for residue K A 101' 
AC2 Software A K 102 ? 10 'binding site for residue K A 102' 
AC3 Software A K 103 ? 5  'binding site for residue K A 103' 
# 
loop_
_struct_site_gen.id 
_struct_site_gen.site_id 
_struct_site_gen.pdbx_num_res 
_struct_site_gen.label_comp_id 
_struct_site_gen.label_asym_id 
_struct_site_gen.label_seq_id 
_struct_site_gen.pdbx_auth_ins_code 
_struct_site_gen.auth_comp_id 
_struct_site_gen.auth_asym_id 
_struct_site_gen.auth_seq_id 
_struct_site_gen.label_atom_id 
_struct_site_gen.label_alt_id 
_struct_site_gen.symmetry 
_struct_site_gen.details 
1  AC1 9  DG A 3  ? DG A 3   . ? 1_555 ? 
2  AC1 9  DG A 4  ? DG A 4   . ? 1_555 ? 
3  AC1 9  DG A 9  ? DG A 9   . ? 1_555 ? 
4  AC1 9  DG A 10 ? DG A 10  . ? 1_555 ? 
5  AC1 9  DG A 15 ? DG A 15  . ? 1_555 ? 
6  AC1 9  DG A 16 ? DG A 16  . ? 1_555 ? 
7  AC1 9  DG A 21 ? DG A 21  . ? 1_555 ? 
8  AC1 9  DG A 22 ? DG A 22  . ? 1_555 ? 
9  AC1 9  K  C .  ? K  A 102 . ? 1_555 ? 
10 AC2 10 DG A 2  ? DG A 2   . ? 1_555 ? 
11 AC2 10 DG A 3  ? DG A 3   . ? 1_555 ? 
12 AC2 10 DG A 8  ? DG A 8   . ? 1_555 ? 
13 AC2 10 DG A 9  ? DG A 9   . ? 1_555 ? 
14 AC2 10 DG A 14 ? DG A 14  . ? 1_555 ? 
15 AC2 10 DG A 15 ? DG A 15  . ? 1_555 ? 
16 AC2 10 DG A 20 ? DG A 20  . ? 1_555 ? 
17 AC2 10 DG A 21 ? DG A 21  . ? 1_555 ? 
18 AC2 10 K  B .  ? K  A 101 . ? 1_555 ? 
19 AC2 10 K  D .  ? K  A 103 . ? 1_555 ? 
20 AC3 5  DG A 2  ? DG A 2   . ? 1_555 ? 
21 AC3 5  DG A 8  ? DG A 8   . ? 1_555 ? 
22 AC3 5  DG A 14 ? DG A 14  . ? 1_555 ? 
23 AC3 5  DG A 20 ? DG A 20  . ? 1_555 ? 
24 AC3 5  K  C .  ? K  A 102 . ? 1_555 ? 
# 
_atom_sites.entry_id                    6ISW 
_atom_sites.fract_transf_matrix[1][1]   -0.01647966 
_atom_sites.fract_transf_matrix[1][2]   0.02130716 
_atom_sites.fract_transf_matrix[1][3]   -0.00901811 
_atom_sites.fract_transf_matrix[2][1]   0.01852419 
_atom_sites.fract_transf_matrix[2][2]   0.01468223 
_atom_sites.fract_transf_matrix[2][3]   0.00083878 
_atom_sites.fract_transf_matrix[3][1]   0.00448021 
_atom_sites.fract_transf_matrix[3][2]   -0.00456823 
_atom_sites.fract_transf_matrix[3][3]   -0.01898051 
_atom_sites.fract_transf_vector[1]      1.404761 
_atom_sites.fract_transf_vector[2]      1.001809 
_atom_sites.fract_transf_vector[3]      0.092874 
# 
loop_
_atom_type.symbol 
C  
K  
N  
O  
P  
SE 
# 
loop_
_atom_site.group_PDB 
_atom_site.id 
_atom_site.type_symbol 
_atom_site.label_atom_id 
_atom_site.label_alt_id 
_atom_site.label_comp_id 
_atom_site.label_asym_id 
_atom_site.label_entity_id 
_atom_site.label_seq_id 
_atom_site.pdbx_PDB_ins_code 
_atom_site.Cartn_x 
_atom_site.Cartn_y 
_atom_site.Cartn_z 
_atom_site.occupancy 
_atom_site.B_iso_or_equiv 
_atom_site.pdbx_formal_charge 
_atom_site.auth_seq_id 
_atom_site.auth_comp_id 
_atom_site.auth_asym_id 
_atom_site.auth_atom_id 
_atom_site.pdbx_PDB_model_num 
ATOM   1   O  "O5'" . DA  A 1 1  ? -1.953  -0.450  13.440  1.00 83.85 ? 1   DA  A "O5'" 1 
ATOM   2   C  "C5'" . DA  A 1 1  ? -1.302  -0.621  14.694  1.00 83.69 ? 1   DA  A "C5'" 1 
ATOM   3   C  "C4'" . DA  A 1 1  ? -0.544  -1.935  14.732  1.00 85.49 ? 1   DA  A "C4'" 1 
ATOM   4   O  "O4'" . DA  A 1 1  ? 0.106   -2.076  16.022  1.00 86.28 ? 1   DA  A "O4'" 1 
ATOM   5   C  "C3'" . DA  A 1 1  ? -1.409  -3.177  14.564  1.00 91.17 ? 1   DA  A "C3'" 1 
ATOM   6   O  "O3'" . DA  A 1 1  ? -1.450  -3.557  13.195  1.00 90.23 ? 1   DA  A "O3'" 1 
ATOM   7   C  "C2'" . DA  A 1 1  ? -0.674  -4.215  15.406  1.00 89.01 ? 1   DA  A "C2'" 1 
ATOM   8   C  "C1'" . DA  A 1 1  ? -0.128  -3.367  16.548  1.00 89.54 ? 1   DA  A "C1'" 1 
ATOM   9   N  N9    . DA  A 1 1  ? -1.040  -3.246  17.683  1.00 88.54 ? 1   DA  A N9    1 
ATOM   10  C  C8    . DA  A 1 1  ? -2.223  -3.907  17.866  1.00 84.40 ? 1   DA  A C8    1 
ATOM   11  N  N7    . DA  A 1 1  ? -2.834  -3.599  18.986  1.00 89.94 ? 1   DA  A N7    1 
ATOM   12  C  C5    . DA  A 1 1  ? -1.992  -2.672  19.580  1.00 85.21 ? 1   DA  A C5    1 
ATOM   13  C  C6    . DA  A 1 1  ? -2.069  -1.957  20.792  1.00 89.26 ? 1   DA  A C6    1 
ATOM   14  N  N6    . DA  A 1 1  ? -3.084  -2.077  21.653  1.00 92.33 ? 1   DA  A N6    1 
ATOM   15  N  N1    . DA  A 1 1  ? -1.060  -1.111  21.084  1.00 90.65 ? 1   DA  A N1    1 
ATOM   16  C  C2    . DA  A 1 1  ? -0.046  -0.993  20.218  1.00 88.24 ? 1   DA  A C2    1 
ATOM   17  N  N3    . DA  A 1 1  ? 0.137   -1.611  19.052  1.00 86.83 ? 1   DA  A N3    1 
ATOM   18  C  C4    . DA  A 1 1  ? -0.882  -2.444  18.789  1.00 83.17 ? 1   DA  A C4    1 
ATOM   19  P  P     . DG  A 1 2  ? -2.724  -4.341  12.610  1.00 90.62 ? 2   DG  A P     1 
ATOM   20  O  OP1   . DG  A 1 2  ? -3.434  -4.965  13.748  1.00 87.44 ? 2   DG  A OP1   1 
ATOM   21  O  OP2   . DG  A 1 2  ? -2.245  -5.185  11.492  1.00 90.25 ? 2   DG  A OP2   1 
ATOM   22  O  "O5'" . DG  A 1 2  ? -3.645  -3.182  12.000  1.00 78.17 ? 2   DG  A "O5'" 1 
ATOM   23  C  "C5'" . DG  A 1 2  ? -5.064  -3.317  12.011  1.00 74.26 ? 2   DG  A "C5'" 1 
ATOM   24  C  "C4'" . DG  A 1 2  ? -5.602  -3.561  10.611  1.00 73.39 ? 2   DG  A "C4'" 1 
ATOM   25  O  "O4'" . DG  A 1 2  ? -5.301  -2.425  9.769   1.00 61.54 ? 2   DG  A "O4'" 1 
ATOM   26  C  "C3'" . DG  A 1 2  ? -5.026  -4.791  9.897   1.00 72.64 ? 2   DG  A "C3'" 1 
ATOM   27  O  "O3'" . DG  A 1 2  ? -6.068  -5.700  9.570   1.00 69.39 ? 2   DG  A "O3'" 1 
ATOM   28  C  "C2'" . DG  A 1 2  ? -4.352  -4.224  8.640   1.00 62.57 ? 2   DG  A "C2'" 1 
ATOM   29  C  "C1'" . DG  A 1 2  ? -5.045  -2.883  8.468   1.00 61.38 ? 2   DG  A "C1'" 1 
ATOM   30  N  N9    . DG  A 1 2  ? -4.226  -1.888  7.781   1.00 63.03 ? 2   DG  A N9    1 
ATOM   31  C  C8    . DG  A 1 2  ? -3.102  -1.264  8.265   1.00 56.30 ? 2   DG  A C8    1 
ATOM   32  N  N7    . DG  A 1 2  ? -2.574  -0.419  7.425   1.00 56.97 ? 2   DG  A N7    1 
ATOM   33  C  C5    . DG  A 1 2  ? -3.400  -0.486  6.310   1.00 61.95 ? 2   DG  A C5    1 
ATOM   34  C  C6    . DG  A 1 2  ? -3.328  0.206   5.078   1.00 57.49 ? 2   DG  A C6    1 
ATOM   35  O  O6    . DG  A 1 2  ? -2.491  1.045   4.718   1.00 53.07 ? 2   DG  A O6    1 
ATOM   36  N  N1    . DG  A 1 2  ? -4.364  -0.157  4.221   1.00 57.99 ? 2   DG  A N1    1 
ATOM   37  C  C2    . DG  A 1 2  ? -5.344  -1.074  4.517   1.00 53.83 ? 2   DG  A C2    1 
ATOM   38  N  N2    . DG  A 1 2  ? -6.261  -1.294  3.562   1.00 56.18 ? 2   DG  A N2    1 
ATOM   39  N  N3    . DG  A 1 2  ? -5.424  -1.730  5.668   1.00 57.70 ? 2   DG  A N3    1 
ATOM   40  C  C4    . DG  A 1 2  ? -4.422  -1.387  6.513   1.00 52.35 ? 2   DG  A C4    1 
ATOM   41  P  P     . DG  A 1 3  ? -5.736  -7.257  9.347   1.00 73.26 ? 3   DG  A P     1 
ATOM   42  O  OP1   . DG  A 1 3  ? -6.889  -8.037  9.851   1.00 69.48 ? 3   DG  A OP1   1 
ATOM   43  O  OP2   . DG  A 1 3  ? -4.384  -7.511  9.888   1.00 75.28 ? 3   DG  A OP2   1 
ATOM   44  O  "O5'" . DG  A 1 3  ? -5.666  -7.411  7.756   1.00 61.31 ? 3   DG  A "O5'" 1 
ATOM   45  C  "C5'" . DG  A 1 3  ? -6.843  -7.241  6.977   1.00 63.86 ? 3   DG  A "C5'" 1 
ATOM   46  C  "C4'" . DG  A 1 3  ? -6.527  -7.297  5.493   1.00 65.86 ? 3   DG  A "C4'" 1 
ATOM   47  O  "O4'" . DG  A 1 3  ? -5.911  -6.054  5.075   1.00 64.05 ? 3   DG  A "O4'" 1 
ATOM   48  C  "C3'" . DG  A 1 3  ? -5.567  -8.418  5.070   1.00 65.93 ? 3   DG  A "C3'" 1 
ATOM   49  O  "O3'" . DG  A 1 3  ? -6.139  -9.163  4.000   1.00 72.70 ? 3   DG  A "O3'" 1 
ATOM   50  C  "C2'" . DG  A 1 3  ? -4.307  -7.670  4.625   1.00 59.76 ? 3   DG  A "C2'" 1 
ATOM   51  C  "C1'" . DG  A 1 3  ? -4.882  -6.343  4.166   1.00 62.42 ? 3   DG  A "C1'" 1 
ATOM   52  N  N9    . DG  A 1 3  ? -3.916  -5.248  4.189   1.00 59.87 ? 3   DG  A N9    1 
ATOM   53  C  C8    . DG  A 1 3  ? -3.095  -4.891  5.231   1.00 60.64 ? 3   DG  A C8    1 
ATOM   54  N  N7    . DG  A 1 3  ? -2.332  -3.867  4.963   1.00 56.94 ? 3   DG  A N7    1 
ATOM   55  C  C5    . DG  A 1 3  ? -2.670  -3.522  3.661   1.00 63.17 ? 3   DG  A C5    1 
ATOM   56  C  C6    . DG  A 1 3  ? -2.173  -2.488  2.833   1.00 59.67 ? 3   DG  A C6    1 
ATOM   57  O  O6    . DG  A 1 3  ? -1.307  -1.642  3.097   1.00 59.48 ? 3   DG  A O6    1 
ATOM   58  N  N1    . DG  A 1 3  ? -2.787  -2.488  1.582   1.00 50.29 ? 3   DG  A N1    1 
ATOM   59  C  C2    . DG  A 1 3  ? -3.757  -3.377  1.183   1.00 58.07 ? 3   DG  A C2    1 
ATOM   60  N  N2    . DG  A 1 3  ? -4.230  -3.220  -0.062  1.00 54.94 ? 3   DG  A N2    1 
ATOM   61  N  N3    . DG  A 1 3  ? -4.232  -4.351  1.949   1.00 57.13 ? 3   DG  A N3    1 
ATOM   62  C  C4    . DG  A 1 3  ? -3.644  -4.363  3.170   1.00 53.29 ? 3   DG  A C4    1 
ATOM   63  P  P     . DG  A 1 4  ? -5.529  -10.590 3.579   1.00 67.07 ? 4   DG  A P     1 
ATOM   64  O  OP1   . DG  A 1 4  ? -6.614  -11.587 3.708   1.00 73.34 ? 4   DG  A OP1   1 
ATOM   65  O  OP2   . DG  A 1 4  ? -4.258  -10.795 4.310   1.00 55.88 ? 4   DG  A OP2   1 
ATOM   66  O  "O5'" . DG  A 1 4  ? -5.184  -10.409 2.027   1.00 66.54 ? 4   DG  A "O5'" 1 
ATOM   67  C  "C5'" . DG  A 1 4  ? -6.223  -10.100 1.106   1.00 66.08 ? 4   DG  A "C5'" 1 
ATOM   68  C  "C4'" . DG  A 1 4  ? -5.656  -9.599  -0.210  1.00 64.15 ? 4   DG  A "C4'" 1 
ATOM   69  O  "O4'" . DG  A 1 4  ? -4.993  -8.326  -0.004  1.00 63.87 ? 4   DG  A "O4'" 1 
ATOM   70  C  "C3'" . DG  A 1 4  ? -4.623  -10.522 -0.865  1.00 64.66 ? 4   DG  A "C3'" 1 
ATOM   71  O  "O3'" . DG  A 1 4  ? -4.943  -10.710 -2.237  1.00 70.65 ? 4   DG  A "O3'" 1 
ATOM   72  C  "C2'" . DG  A 1 4  ? -3.303  -9.770  -0.692  1.00 67.52 ? 4   DG  A "C2'" 1 
ATOM   73  C  "C1'" . DG  A 1 4  ? -3.769  -8.324  -0.693  1.00 70.03 ? 4   DG  A "C1'" 1 
ATOM   74  N  N9    . DG  A 1 4  ? -2.854  -7.416  -0.009  1.00 63.09 ? 4   DG  A N9    1 
ATOM   75  C  C8    . DG  A 1 4  ? -2.418  -7.504  1.291   1.00 60.12 ? 4   DG  A C8    1 
ATOM   76  N  N7    . DG  A 1 4  ? -1.600  -6.546  1.631   1.00 62.91 ? 4   DG  A N7    1 
ATOM   77  C  C5    . DG  A 1 4  ? -1.489  -5.770  0.484   1.00 66.38 ? 4   DG  A C5    1 
ATOM   78  C  C6    . DG  A 1 4  ? -0.739  -4.594  0.248   1.00 59.28 ? 4   DG  A C6    1 
ATOM   79  O  O6    . DG  A 1 4  ? 0.000   -3.985  1.034   1.00 64.54 ? 4   DG  A O6    1 
ATOM   80  N  N1    . DG  A 1 4  ? -0.909  -4.127  -1.053  1.00 62.39 ? 4   DG  A N1    1 
ATOM   81  C  C2    . DG  A 1 4  ? -1.703  -4.722  -2.005  1.00 66.03 ? 4   DG  A C2    1 
ATOM   82  N  N2    . DG  A 1 4  ? -1.740  -4.126  -3.205  1.00 63.36 ? 4   DG  A N2    1 
ATOM   83  N  N3    . DG  A 1 4  ? -2.410  -5.825  -1.797  1.00 58.59 ? 4   DG  A N3    1 
ATOM   84  C  C4    . DG  A 1 4  ? -2.256  -6.292  -0.535  1.00 62.70 ? 4   DG  A C4    1 
ATOM   85  P  P     . DT  A 1 5  ? -5.286  -12.178 -2.791  1.00 72.07 ? 5   DT  A P     1 
ATOM   86  O  OP1   . DT  A 1 5  ? -4.113  -13.041 -2.536  1.00 77.24 ? 5   DT  A OP1   1 
ATOM   87  O  OP2   . DT  A 1 5  ? -5.803  -12.028 -4.171  1.00 67.93 ? 5   DT  A OP2   1 
ATOM   88  O  "O5'" . DT  A 1 5  ? -6.498  -12.664 -1.866  1.00 72.12 ? 5   DT  A "O5'" 1 
ATOM   89  C  "C5'" . DT  A 1 5  ? -7.787  -12.078 -2.013  1.00 70.45 ? 5   DT  A "C5'" 1 
ATOM   90  C  "C4'" . DT  A 1 5  ? -8.816  -12.820 -1.177  1.00 67.34 ? 5   DT  A "C4'" 1 
ATOM   91  O  "O4'" . DT  A 1 5  ? -8.716  -12.394 0.208   1.00 68.46 ? 5   DT  A "O4'" 1 
ATOM   92  C  "C3'" . DT  A 1 5  ? -10.270 -12.591 -1.592  1.00 68.29 ? 5   DT  A "C3'" 1 
ATOM   93  O  "O3'" . DT  A 1 5  ? -10.971 -13.829 -1.613  1.00 77.43 ? 5   DT  A "O3'" 1 
ATOM   94  C  "C2'" . DT  A 1 5  ? -10.810 -11.656 -0.510  1.00 70.86 ? 5   DT  A "C2'" 1 
ATOM   95  C  "C1'" . DT  A 1 5  ? -9.999  -12.091 0.699   1.00 67.36 ? 5   DT  A "C1'" 1 
ATOM   96  N  N1    . DT  A 1 5  ? -9.872  -11.030 1.740   1.00 63.66 ? 5   DT  A N1    1 
ATOM   97  C  C2    . DT  A 1 5  ? -9.942  -11.379 3.068   1.00 66.59 ? 5   DT  A C2    1 
ATOM   98  O  O2    . DT  A 1 5  ? -10.101 -12.524 3.451   1.00 67.83 ? 5   DT  A O2    1 
ATOM   99  N  N3    . DT  A 1 5  ? -9.814  -10.332 3.942   1.00 66.76 ? 5   DT  A N3    1 
ATOM   100 C  C4    . DT  A 1 5  ? -9.630  -8.998  3.626   1.00 66.21 ? 5   DT  A C4    1 
ATOM   101 O  O4    . DT  A 1 5  ? -9.528  -8.129  4.486   1.00 63.27 ? 5   DT  A O4    1 
ATOM   102 C  C5    . DT  A 1 5  ? -9.568  -8.701  2.215   1.00 68.88 ? 5   DT  A C5    1 
ATOM   103 C  C7    . DT  A 1 5  ? -9.371  -7.288  1.750   1.00 59.83 ? 5   DT  A C7    1 
ATOM   104 C  C6    . DT  A 1 5  ? -9.692  -9.719  1.350   1.00 63.07 ? 5   DT  A C6    1 
ATOM   105 P  P     . DT  A 1 6  ? -11.943 -14.183 -2.842  1.00 80.56 ? 6   DT  A P     1 
ATOM   106 O  OP1   . DT  A 1 6  ? -12.513 -15.526 -2.592  1.00 81.00 ? 6   DT  A OP1   1 
ATOM   107 O  OP2   . DT  A 1 6  ? -11.196 -13.923 -4.093  1.00 73.26 ? 6   DT  A OP2   1 
ATOM   108 O  "O5'" . DT  A 1 6  ? -13.110 -13.096 -2.733  1.00 82.82 ? 6   DT  A "O5'" 1 
ATOM   109 C  "C5'" . DT  A 1 6  ? -14.090 -12.998 -3.759  1.00 71.48 ? 6   DT  A "C5'" 1 
ATOM   110 C  "C4'" . DT  A 1 6  ? -15.135 -11.956 -3.407  1.00 70.33 ? 6   DT  A "C4'" 1 
ATOM   111 O  "O4'" . DT  A 1 6  ? -15.979 -12.460 -2.342  1.00 70.62 ? 6   DT  A "O4'" 1 
ATOM   112 C  "C3'" . DT  A 1 6  ? -14.579 -10.646 -2.878  1.00 72.76 ? 6   DT  A "C3'" 1 
ATOM   113 O  "O3'" . DT  A 1 6  ? -14.268 -9.776  -3.958  1.00 73.05 ? 6   DT  A "O3'" 1 
ATOM   114 C  "C2'" . DT  A 1 6  ? -15.745 -10.117 -2.051  1.00 73.34 ? 6   DT  A "C2'" 1 
ATOM   115 C  "C1'" . DT  A 1 6  ? -16.327 -11.403 -1.463  1.00 71.59 ? 6   DT  A "C1'" 1 
ATOM   116 N  N1    . DT  A 1 6  ? -15.809 -11.727 -0.100  1.00 71.44 ? 6   DT  A N1    1 
ATOM   117 C  C2    . DT  A 1 6  ? -16.308 -11.050 0.988   1.00 71.34 ? 6   DT  A C2    1 
ATOM   118 O  O2    . DT  A 1 6  ? -17.161 -10.185 0.902   1.00 71.32 ? 6   DT  A O2    1 
ATOM   119 N  N3    . DT  A 1 6  ? -15.768 -11.420 2.190   1.00 68.54 ? 6   DT  A N3    1 
ATOM   120 C  C4    . DT  A 1 6  ? -14.800 -12.384 2.411   1.00 71.34 ? 6   DT  A C4    1 
ATOM   121 O  O4    . DT  A 1 6  ? -14.378 -12.647 3.532   1.00 70.24 ? 6   DT  A O4    1 
ATOM   122 C  C5    . DT  A 1 6  ? -14.320 -13.057 1.227   1.00 74.80 ? 6   DT  A C5    1 
ATOM   123 C  C7    . DT  A 1 6  ? -13.268 -14.121 1.340   1.00 73.29 ? 6   DT  A C7    1 
ATOM   124 C  C6    . DT  A 1 6  ? -14.842 -12.702 0.044   1.00 74.77 ? 6   DT  A C6    1 
ATOM   125 P  P     . DA  A 1 7  ? -12.888 -8.952  -3.961  1.00 74.75 ? 7   DA  A P     1 
ATOM   126 O  OP1   . DA  A 1 7  ? -12.784 -8.253  -5.260  1.00 62.82 ? 7   DA  A OP1   1 
ATOM   127 O  OP2   . DA  A 1 7  ? -11.813 -9.876  -3.533  1.00 78.40 ? 7   DA  A OP2   1 
ATOM   128 O  "O5'" . DA  A 1 7  ? -13.086 -7.864  -2.805  1.00 71.52 ? 7   DA  A "O5'" 1 
ATOM   129 C  "C5'" . DA  A 1 7  ? -14.133 -6.905  -2.903  1.00 71.34 ? 7   DA  A "C5'" 1 
ATOM   130 C  "C4'" . DA  A 1 7  ? -14.095 -5.939  -1.731  1.00 68.81 ? 7   DA  A "C4'" 1 
ATOM   131 O  "O4'" . DA  A 1 7  ? -14.421 -6.644  -0.505  1.00 72.11 ? 7   DA  A "O4'" 1 
ATOM   132 C  "C3'" . DA  A 1 7  ? -12.744 -5.263  -1.492  1.00 66.25 ? 7   DA  A "C3'" 1 
ATOM   133 O  "O3'" . DA  A 1 7  ? -12.939 -3.892  -1.170  1.00 75.52 ? 7   DA  A "O3'" 1 
ATOM   134 C  "C2'" . DA  A 1 7  ? -12.169 -6.042  -0.310  1.00 61.67 ? 7   DA  A "C2'" 1 
ATOM   135 C  "C1'" . DA  A 1 7  ? -13.429 -6.391  0.465   1.00 64.58 ? 7   DA  A "C1'" 1 
ATOM   136 N  N9    . DA  A 1 7  ? -13.293 -7.579  1.303   1.00 65.64 ? 7   DA  A N9    1 
ATOM   137 C  C8    . DA  A 1 7  ? -13.354 -8.883  0.898   1.00 64.78 ? 7   DA  A C8    1 
ATOM   138 N  N7    . DA  A 1 7  ? -13.201 -9.749  1.871   1.00 67.17 ? 7   DA  A N7    1 
ATOM   139 C  C5    . DA  A 1 7  ? -13.031 -8.957  2.996   1.00 61.27 ? 7   DA  A C5    1 
ATOM   140 C  C6    . DA  A 1 7  ? -12.823 -9.269  4.354   1.00 64.05 ? 7   DA  A C6    1 
ATOM   141 N  N6    . DA  A 1 7  ? -12.746 -10.521 4.818   1.00 66.43 ? 7   DA  A N6    1 
ATOM   142 N  N1    . DA  A 1 7  ? -12.691 -8.242  5.218   1.00 69.15 ? 7   DA  A N1    1 
ATOM   143 C  C2    . DA  A 1 7  ? -12.767 -6.991  4.749   1.00 69.70 ? 7   DA  A C2    1 
ATOM   144 N  N3    . DA  A 1 7  ? -12.961 -6.574  3.499   1.00 66.71 ? 7   DA  A N3    1 
ATOM   145 C  C4    . DA  A 1 7  ? -13.086 -7.617  2.663   1.00 66.41 ? 7   DA  A C4    1 
ATOM   146 P  P     . DG  A 1 8  ? -13.056 -2.797  -2.339  1.00 74.52 ? 8   DG  A P     1 
ATOM   147 O  OP1   . DG  A 1 8  ? -14.393 -2.171  -2.235  1.00 76.64 ? 8   DG  A OP1   1 
ATOM   148 O  OP2   . DG  A 1 8  ? -12.645 -3.448  -3.604  1.00 75.35 ? 8   DG  A OP2   1 
ATOM   149 O  "O5'" . DG  A 1 8  ? -11.943 -1.711  -1.965  1.00 72.20 ? 8   DG  A "O5'" 1 
ATOM   150 C  "C5'" . DG  A 1 8  ? -10.571 -2.082  -1.938  1.00 72.48 ? 8   DG  A "C5'" 1 
ATOM   151 C  "C4'" . DG  A 1 8  ? -9.790  -1.335  -3.004  1.00 69.61 ? 8   DG  A "C4'" 1 
ATOM   152 O  "O4'" . DG  A 1 8  ? -8.975  -0.309  -2.376  1.00 64.66 ? 8   DG  A "O4'" 1 
ATOM   153 C  "C3'" . DG  A 1 8  ? -8.827  -2.194  -3.816  1.00 73.76 ? 8   DG  A "C3'" 1 
ATOM   154 O  "O3'" . DG  A 1 8  ? -8.762  -1.722  -5.156  1.00 76.61 ? 8   DG  A "O3'" 1 
ATOM   155 C  "C2'" . DG  A 1 8  ? -7.503  -1.997  -3.088  1.00 60.92 ? 8   DG  A "C2'" 1 
ATOM   156 C  "C1'" . DG  A 1 8  ? -7.609  -0.543  -2.649  1.00 58.94 ? 8   DG  A "C1'" 1 
ATOM   157 N  N9    . DG  A 1 8  ? -6.840  -0.246  -1.444  1.00 60.41 ? 8   DG  A N9    1 
ATOM   158 C  C8    . DG  A 1 8  ? -6.982  -0.833  -0.209  1.00 55.86 ? 8   DG  A C8    1 
ATOM   159 N  N7    . DG  A 1 8  ? -6.153  -0.368  0.684   1.00 55.28 ? 8   DG  A N7    1 
ATOM   160 C  C5    . DG  A 1 8  ? -5.416  0.589   -0.002  1.00 60.76 ? 8   DG  A C5    1 
ATOM   161 C  C6    . DG  A 1 8  ? -4.369  1.426   0.448   1.00 54.83 ? 8   DG  A C6    1 
ATOM   162 O  O6    . DG  A 1 8  ? -3.870  1.490   1.580   1.00 54.76 ? 8   DG  A O6    1 
ATOM   163 N  N1    . DG  A 1 8  ? -3.894  2.251   -0.568  1.00 62.28 ? 8   DG  A N1    1 
ATOM   164 C  C2    . DG  A 1 8  ? -4.372  2.265   -1.858  1.00 57.31 ? 8   DG  A C2    1 
ATOM   165 N  N2    . DG  A 1 8  ? -3.788  3.129   -2.699  1.00 50.89 ? 8   DG  A N2    1 
ATOM   166 N  N3    . DG  A 1 8  ? -5.354  1.484   -2.292  1.00 58.93 ? 8   DG  A N3    1 
ATOM   167 C  C4    . DG  A 1 8  ? -5.826  0.675   -1.313  1.00 56.38 ? 8   DG  A C4    1 
ATOM   168 P  P     . DG  A 1 9  ? -8.295  -2.709  -6.335  1.00 78.84 ? 9   DG  A P     1 
ATOM   169 O  OP1   . DG  A 1 9  ? -9.164  -2.452  -7.505  1.00 86.56 ? 9   DG  A OP1   1 
ATOM   170 O  OP2   . DG  A 1 9  ? -8.209  -4.074  -5.769  1.00 70.97 ? 9   DG  A OP2   1 
ATOM   171 O  "O5'" . DG  A 1 9  ? -6.809  -2.225  -6.678  1.00 68.48 ? 9   DG  A "O5'" 1 
ATOM   172 C  "C5'" . DG  A 1 9  ? -6.605  -0.977  -7.328  1.00 70.39 ? 9   DG  A "C5'" 1 
ATOM   173 C  "C4'" . DG  A 1 9  ? -5.126  -0.635  -7.398  1.00 71.70 ? 9   DG  A "C4'" 1 
ATOM   174 O  "O4'" . DG  A 1 9  ? -4.656  -0.223  -6.089  1.00 72.23 ? 9   DG  A "O4'" 1 
ATOM   175 C  "C3'" . DG  A 1 9  ? -4.210  -1.782  -7.844  1.00 68.55 ? 9   DG  A "C3'" 1 
ATOM   176 O  "O3'" . DG  A 1 9  ? -3.378  -1.350  -8.914  1.00 76.79 ? 9   DG  A "O3'" 1 
ATOM   177 C  "C2'" . DG  A 1 9  ? -3.394  -2.108  -6.590  1.00 67.34 ? 9   DG  A "C2'" 1 
ATOM   178 C  "C1'" . DG  A 1 9  ? -3.382  -0.772  -5.870  1.00 69.96 ? 9   DG  A "C1'" 1 
ATOM   179 N  N9    . DG  A 1 9  ? -3.167  -0.889  -4.431  1.00 65.31 ? 9   DG  A N9    1 
ATOM   180 C  C8    . DG  A 1 9  ? -3.842  -1.704  -3.556  1.00 63.90 ? 9   DG  A C8    1 
ATOM   181 N  N7    . DG  A 1 9  ? -3.430  -1.598  -2.324  1.00 60.92 ? 9   DG  A N7    1 
ATOM   182 C  C5    . DG  A 1 9  ? -2.416  -0.652  -2.385  1.00 56.53 ? 9   DG  A C5    1 
ATOM   183 C  C6    . DG  A 1 9  ? -1.597  -0.126  -1.358  1.00 57.66 ? 9   DG  A C6    1 
ATOM   184 O  O6    . DG  A 1 9  ? -1.609  -0.403  -0.151  1.00 52.54 ? 9   DG  A O6    1 
ATOM   185 N  N1    . DG  A 1 9  ? -0.694  0.813   -1.848  1.00 54.10 ? 9   DG  A N1    1 
ATOM   186 C  C2    . DG  A 1 9  ? -0.594  1.196   -3.165  1.00 59.54 ? 9   DG  A C2    1 
ATOM   187 N  N2    . DG  A 1 9  ? 0.339   2.116   -3.448  1.00 62.26 ? 9   DG  A N2    1 
ATOM   188 N  N3    . DG  A 1 9  ? -1.356  0.711   -4.137  1.00 67.80 ? 9   DG  A N3    1 
ATOM   189 C  C4    . DG  A 1 9  ? -2.240  -0.205  -3.676  1.00 54.57 ? 9   DG  A C4    1 
ATOM   190 P  P     . DG  A 1 10 ? -2.557  -2.417  -9.793  1.00 74.04 ? 10  DG  A P     1 
ATOM   191 O  OP1   . DG  A 1 10 ? -2.924  -2.200  -11.210 1.00 84.23 ? 10  DG  A OP1   1 
ATOM   192 O  OP2   . DG  A 1 10 ? -2.732  -3.756  -9.189  1.00 72.30 ? 10  DG  A OP2   1 
ATOM   193 O  "O5'" . DG  A 1 10 ? -1.032  -1.983  -9.589  1.00 73.47 ? 10  DG  A "O5'" 1 
ATOM   194 C  "C5'" . DG  A 1 10 ? -0.606  -0.688  -9.997  1.00 74.59 ? 10  DG  A "C5'" 1 
ATOM   195 C  "C4'" . DG  A 1 10 ? 0.783   -0.378  -9.466  1.00 81.84 ? 10  DG  A "C4'" 1 
ATOM   196 O  "O4'" . DG  A 1 10 ? 0.730   -0.225  -8.022  1.00 80.66 ? 10  DG  A "O4'" 1 
ATOM   197 C  "C3'" . DG  A 1 10 ? 1.838   -1.451  -9.745  1.00 80.92 ? 10  DG  A "C3'" 1 
ATOM   198 O  "O3'" . DG  A 1 10 ? 3.054   -0.843  -10.165 1.00 85.65 ? 10  DG  A "O3'" 1 
ATOM   199 C  "C2'" . DG  A 1 10 ? 1.997   -2.143  -8.394  1.00 78.70 ? 10  DG  A "C2'" 1 
ATOM   200 C  "C1'" . DG  A 1 10 ? 1.759   -0.986  -7.439  1.00 80.18 ? 10  DG  A "C1'" 1 
ATOM   201 N  N9    . DG  A 1 10 ? 1.330   -1.407  -6.109  1.00 76.58 ? 10  DG  A N9    1 
ATOM   202 C  C8    . DG  A 1 10 ? 0.292   -2.253  -5.803  1.00 70.58 ? 10  DG  A C8    1 
ATOM   203 N  N7    . DG  A 1 10 ? 0.144   -2.451  -4.523  1.00 74.38 ? 10  DG  A N7    1 
ATOM   204 C  C5    . DG  A 1 10 ? 1.149   -1.687  -3.942  1.00 68.03 ? 10  DG  A C5    1 
ATOM   205 C  C6    . DG  A 1 10 ? 1.483   -1.505  -2.579  1.00 60.55 ? 10  DG  A C6    1 
ATOM   206 O  O6    . DG  A 1 10 ? 0.939   -1.999  -1.582  1.00 68.95 ? 10  DG  A O6    1 
ATOM   207 N  N1    . DG  A 1 10 ? 2.571   -0.649  -2.426  1.00 70.35 ? 10  DG  A N1    1 
ATOM   208 C  C2    . DG  A 1 10 ? 3.249   -0.046  -3.459  1.00 68.33 ? 10  DG  A C2    1 
ATOM   209 N  N2    . DG  A 1 10 ? 4.273   0.748   -3.114  1.00 64.43 ? 10  DG  A N2    1 
ATOM   210 N  N3    . DG  A 1 10 ? 2.946   -0.208  -4.740  1.00 66.22 ? 10  DG  A N3    1 
ATOM   211 C  C4    . DG  A 1 10 ? 1.887   -1.039  -4.906  1.00 71.37 ? 10  DG  A C4    1 
ATOM   212 P  P     . DT  A 1 11 ? 3.710   -1.238  -11.574 1.00 89.73 ? 11  DT  A P     1 
ATOM   213 O  OP1   . DT  A 1 11 ? 3.845   -2.711  -11.617 1.00 90.59 ? 11  DT  A OP1   1 
ATOM   214 O  OP2   . DT  A 1 11 ? 4.903   -0.385  -11.766 1.00 80.81 ? 11  DT  A OP2   1 
ATOM   215 O  "O5'" . DT  A 1 11 ? 2.617   -0.780  -12.645 1.00 92.10 ? 11  DT  A "O5'" 1 
ATOM   216 C  "C5'" . DT  A 1 11 ? 2.303   0.602   -12.787 1.00 88.65 ? 11  DT  A "C5'" 1 
ATOM   217 C  "C4'" . DT  A 1 11 ? 1.425   0.830   -14.003 1.00 86.12 ? 11  DT  A "C4'" 1 
ATOM   218 O  "O4'" . DT  A 1 11 ? 0.092   0.336   -13.737 1.00 84.60 ? 11  DT  A "O4'" 1 
ATOM   219 C  "C3'" . DT  A 1 11 ? 1.276   2.292   -14.422 1.00 88.09 ? 11  DT  A "C3'" 1 
ATOM   220 O  "O3'" . DT  A 1 11 ? 1.636   2.445   -15.785 1.00 90.88 ? 11  DT  A "O3'" 1 
ATOM   221 C  "C2'" . DT  A 1 11 ? -0.204  2.609   -14.187 1.00 80.39 ? 11  DT  A "C2'" 1 
ATOM   222 C  "C1'" . DT  A 1 11 ? -0.854  1.236   -14.254 1.00 86.23 ? 11  DT  A "C1'" 1 
ATOM   223 N  N1    . DT  A 1 11 ? -2.085  1.136   -13.427 1.00 81.22 ? 11  DT  A N1    1 
ATOM   224 C  C2    . DT  A 1 11 ? -3.206  0.539   -13.955 1.00 83.59 ? 11  DT  A C2    1 
ATOM   225 O  O2    . DT  A 1 11 ? -3.250  0.079   -15.083 1.00 86.95 ? 11  DT  A O2    1 
ATOM   226 N  N3    . DT  A 1 11 ? -4.283  0.496   -13.110 1.00 80.28 ? 11  DT  A N3    1 
ATOM   227 C  C4    . DT  A 1 11 ? -4.350  0.982   -11.816 1.00 80.20 ? 11  DT  A C4    1 
ATOM   228 O  O4    . DT  A 1 11 ? -5.366  0.897   -11.136 1.00 82.93 ? 11  DT  A O4    1 
ATOM   229 C  C5    . DT  A 1 11 ? -3.138  1.596   -11.326 1.00 83.43 ? 11  DT  A C5    1 
ATOM   230 C  C7    . DT  A 1 11 ? -3.089  2.159   -9.937  1.00 75.80 ? 11  DT  A C7    1 
ATOM   231 C  C6    . DT  A 1 11 ? -2.080  1.642   -12.144 1.00 79.46 ? 11  DT  A C6    1 
HETATM 232 P  P     d AWC A 1 12 ? 3.058   3.051   -16.166 1.00 86.85 ? 12  AWC A P     1 
HETATM 233 C  "C5'" d AWC A 1 12 ? 2.000   5.429   -16.198 1.00 86.78 ? 12  AWC A "C5'" 1 
HETATM 234 O  "O5'" d AWC A 1 12 ? 2.985   4.568   -15.613 1.00 93.79 ? 12  AWC A "O5'" 1 
HETATM 235 C  "C4'" d AWC A 1 12 ? 1.944   6.832   -15.566 1.00 77.17 ? 12  AWC A "C4'" 1 
HETATM 236 O  "O4'" d AWC A 1 12 ? 1.146   7.684   -16.423 1.00 80.41 ? 12  AWC A "O4'" 1 
HETATM 237 C  "C3'" d AWC A 1 12 ? 1.265   6.807   -14.202 1.00 78.79 ? 12  AWC A "C3'" 1 
HETATM 238 O  "O3'" d AWC A 1 12 ? 2.219   6.986   -13.138 1.00 82.59 ? 12  AWC A "O3'" 1 
HETATM 239 C  "C2'" d AWC A 1 12 ? 0.334   7.999   -14.224 1.00 76.07 ? 12  AWC A "C2'" 1 
HETATM 240 C  "C1'" d AWC A 1 12 ? -0.023  8.160   -15.702 1.00 76.67 ? 12  AWC A "C1'" 1 
HETATM 241 N  N1    d AWC A 1 12 ? -1.298  7.432   -16.027 1.00 75.78 ? 12  AWC A N1    1 
HETATM 242 C  C2    d AWC A 1 12 ? -2.505  7.979   -15.749 1.00 73.75 ? 12  AWC A C2    1 
HETATM 243 O  O2    d AWC A 1 12 ? -2.608  9.091   -15.228 1.00 76.00 ? 12  AWC A O2    1 
HETATM 244 N  N3    d AWC A 1 12 ? -3.684  7.271   -16.059 1.00 79.35 ? 12  AWC A N3    1 
HETATM 245 C  C4    d AWC A 1 12 ? -3.648  5.995   -16.656 1.00 77.17 ? 12  AWC A C4    1 
HETATM 246 O  O4    d AWC A 1 12 ? -4.725  5.447   -16.894 1.00 74.02 ? 12  AWC A O4    1 
HETATM 247 C  C5    d AWC A 1 12 ? -2.400  5.418   -16.949 1.00 80.37 ? 12  AWC A C5    1 
HETATM 248 C  C6    d AWC A 1 12 ? -1.254  6.150   -16.629 1.00 77.40 ? 12  AWC A C6    1 
HETATM 249 O  OP1   d AWC A 1 12 ? 3.248   2.820   -17.615 1.00 89.35 ? 12  AWC A OP1   1 
HETATM 250 O  OP2   d AWC A 1 12 ? 4.077   2.279   -15.423 1.00 91.43 ? 12  AWC A OP2   1 
HETATM 251 C  C7    d AWC A 1 12 ? -2.211  4.212   -17.512 1.00 79.38 ? 12  AWC A C7    1 
HETATM 252 C  C8    d AWC A 1 12 ? -0.997  3.718   -17.807 1.00 82.02 ? 12  AWC A C8    1 
HETATM 253 C  C9    d AWC A 1 12 ? -0.920  2.480   -18.376 1.00 84.61 ? 12  AWC A C9    1 
HETATM 254 C  C10   d AWC A 1 12 ? -2.061  1.807   -18.616 1.00 84.47 ? 12  AWC A C10   1 
HETATM 255 SE SE    d AWC A 1 12 ? -3.519  2.911   -18.026 1.00 92.09 ? 12  AWC A SE    1 
ATOM   256 P  P     . DA  A 1 13 ? 2.024   6.225   -11.722 1.00 86.15 ? 13  DA  A P     1 
ATOM   257 O  OP1   . DA  A 1 13 ? 2.962   6.830   -10.749 1.00 77.93 ? 13  DA  A OP1   1 
ATOM   258 O  OP2   . DA  A 1 13 ? 2.078   4.770   -11.987 1.00 84.50 ? 13  DA  A OP2   1 
ATOM   259 O  "O5'" . DA  A 1 13 ? 0.529   6.591   -11.278 1.00 79.12 ? 13  DA  A "O5'" 1 
ATOM   260 C  "C5'" . DA  A 1 13 ? 0.250   7.847   -10.657 1.00 74.70 ? 13  DA  A "C5'" 1 
ATOM   261 C  "C4'" . DA  A 1 13 ? -1.171  7.887   -10.118 1.00 75.67 ? 13  DA  A "C4'" 1 
ATOM   262 O  "O4'" . DA  A 1 13 ? -2.106  7.528   -11.175 1.00 88.90 ? 13  DA  A "O4'" 1 
ATOM   263 C  "C3'" . DA  A 1 13 ? -1.452  6.924   -8.961  1.00 81.04 ? 13  DA  A "C3'" 1 
ATOM   264 O  "O3'" . DA  A 1 13 ? -2.271  7.556   -7.983  1.00 84.03 ? 13  DA  A "O3'" 1 
ATOM   265 C  "C2'" . DA  A 1 13 ? -2.189  5.778   -9.642  1.00 78.43 ? 13  DA  A "C2'" 1 
ATOM   266 C  "C1'" . DA  A 1 13 ? -2.975  6.527   -10.701 1.00 78.60 ? 13  DA  A "C1'" 1 
ATOM   267 N  N9    . DA  A 1 13 ? -3.380  5.687   -11.823 1.00 82.05 ? 13  DA  A N9    1 
ATOM   268 C  C8    . DA  A 1 13 ? -2.683  5.458   -12.975 1.00 83.78 ? 13  DA  A C8    1 
ATOM   269 N  N7    . DA  A 1 13 ? -3.294  4.650   -13.810 1.00 80.55 ? 13  DA  A N7    1 
ATOM   270 C  C5    . DA  A 1 13 ? -4.471  4.325   -13.157 1.00 79.84 ? 13  DA  A C5    1 
ATOM   271 C  C6    . DA  A 1 13 ? -5.560  3.503   -13.511 1.00 85.33 ? 13  DA  A C6    1 
ATOM   272 N  N6    . DA  A 1 13 ? -5.631  2.832   -14.665 1.00 81.92 ? 13  DA  A N6    1 
ATOM   273 N  N1    . DA  A 1 13 ? -6.576  3.396   -12.629 1.00 84.51 ? 13  DA  A N1    1 
ATOM   274 C  C2    . DA  A 1 13 ? -6.501  4.069   -11.474 1.00 87.58 ? 13  DA  A C2    1 
ATOM   275 N  N3    . DA  A 1 13 ? -5.534  4.869   -11.033 1.00 77.52 ? 13  DA  A N3    1 
ATOM   276 C  C4    . DA  A 1 13 ? -4.540  4.956   -11.929 1.00 79.27 ? 13  DA  A C4    1 
ATOM   277 P  P     . DG  A 1 14 ? -2.266  7.041   -6.460  1.00 84.50 ? 14  DG  A P     1 
ATOM   278 O  OP1   . DG  A 1 14 ? -2.560  5.592   -6.458  1.00 77.37 ? 14  DG  A OP1   1 
ATOM   279 O  OP2   . DG  A 1 14 ? -3.116  7.955   -5.666  1.00 78.92 ? 14  DG  A OP2   1 
ATOM   280 O  "O5'" . DG  A 1 14 ? -0.758  7.257   -5.989  1.00 76.67 ? 14  DG  A "O5'" 1 
ATOM   281 C  "C5'" . DG  A 1 14 ? -0.239  8.575   -5.857  1.00 65.95 ? 14  DG  A "C5'" 1 
ATOM   282 C  "C4'" . DG  A 1 14 ? 0.954   8.590   -4.919  1.00 65.42 ? 14  DG  A "C4'" 1 
ATOM   283 O  "O4'" . DG  A 1 14 ? 0.527   8.184   -3.591  1.00 62.73 ? 14  DG  A "O4'" 1 
ATOM   284 C  "C3'" . DG  A 1 14 ? 2.090   7.648   -5.307  1.00 66.01 ? 14  DG  A "C3'" 1 
ATOM   285 O  "O3'" . DG  A 1 14 ? 3.347   8.260   -5.045  1.00 71.76 ? 14  DG  A "O3'" 1 
ATOM   286 C  "C2'" . DG  A 1 14 ? 1.857   6.431   -4.416  1.00 60.49 ? 14  DG  A "C2'" 1 
ATOM   287 C  "C1'" . DG  A 1 14 ? 1.271   7.064   -3.161  1.00 64.71 ? 14  DG  A "C1'" 1 
ATOM   288 N  N9    . DG  A 1 14 ? 0.379   6.173   -2.425  1.00 62.67 ? 14  DG  A N9    1 
ATOM   289 C  C8    . DG  A 1 14 ? -0.757  5.562   -2.902  1.00 59.91 ? 14  DG  A C8    1 
ATOM   290 N  N7    . DG  A 1 14 ? -1.359  4.816   -2.018  1.00 58.50 ? 14  DG  A N7    1 
ATOM   291 C  C5    . DG  A 1 14 ? -0.573  4.940   -0.877  1.00 60.18 ? 14  DG  A C5    1 
ATOM   292 C  C6    . DG  A 1 14 ? -0.730  4.358   0.404   1.00 56.48 ? 14  DG  A C6    1 
ATOM   293 O  O6    . DG  A 1 14 ? -1.621  3.593   0.796   1.00 58.16 ? 14  DG  A O6    1 
ATOM   294 N  N1    . DG  A 1 14 ? 0.288   4.745   1.272   1.00 61.58 ? 14  DG  A N1    1 
ATOM   295 C  C2    . DG  A 1 14 ? 1.325   5.586   0.944   1.00 59.18 ? 14  DG  A C2    1 
ATOM   296 N  N2    . DG  A 1 14 ? 2.211   5.843   1.917   1.00 57.75 ? 14  DG  A N2    1 
ATOM   297 N  N3    . DG  A 1 14 ? 1.482   6.139   -0.253  1.00 61.48 ? 14  DG  A N3    1 
ATOM   298 C  C4    . DG  A 1 14 ? 0.498   5.772   -1.111  1.00 54.65 ? 14  DG  A C4    1 
ATOM   299 P  P     . DG  A 1 15 ? 4.675   7.721   -5.770  1.00 79.38 ? 15  DG  A P     1 
ATOM   300 O  OP1   . DG  A 1 15 ? 5.457   8.898   -6.209  1.00 73.80 ? 15  DG  A OP1   1 
ATOM   301 O  OP2   . DG  A 1 15 ? 4.267   6.699   -6.759  1.00 72.12 ? 15  DG  A OP2   1 
ATOM   302 O  "O5'" . DG  A 1 15 ? 5.476   6.982   -4.600  1.00 70.64 ? 15  DG  A "O5'" 1 
ATOM   303 C  "C5'" . DG  A 1 15 ? 5.957   7.732   -3.493  1.00 72.22 ? 15  DG  A "C5'" 1 
ATOM   304 C  "C4'" . DG  A 1 15 ? 6.497   6.817   -2.410  1.00 71.56 ? 15  DG  A "C4'" 1 
ATOM   305 O  "O4'" . DG  A 1 15 ? 5.396   6.210   -1.690  1.00 68.92 ? 15  DG  A "O4'" 1 
ATOM   306 C  "C3'" . DG  A 1 15 ? 7.376   5.665   -2.910  1.00 67.19 ? 15  DG  A "C3'" 1 
ATOM   307 O  "O3'" . DG  A 1 15 ? 8.606   5.652   -2.200  1.00 70.97 ? 15  DG  A "O3'" 1 
ATOM   308 C  "C2'" . DG  A 1 15 ? 6.542   4.413   -2.615  1.00 57.97 ? 15  DG  A "C2'" 1 
ATOM   309 C  "C1'" . DG  A 1 15 ? 5.707   4.866   -1.431  1.00 58.99 ? 15  DG  A "C1'" 1 
ATOM   310 N  N9    . DG  A 1 15 ? 4.462   4.121   -1.277  1.00 63.80 ? 15  DG  A N9    1 
ATOM   311 C  C8    . DG  A 1 15 ? 3.462   3.979   -2.207  1.00 62.04 ? 15  DG  A C8    1 
ATOM   312 N  N7    . DG  A 1 15 ? 2.462   3.252   -1.789  1.00 59.04 ? 15  DG  A N7    1 
ATOM   313 C  C5    . DG  A 1 15 ? 2.824   2.890   -0.498  1.00 62.08 ? 15  DG  A C5    1 
ATOM   314 C  C6    . DG  A 1 15 ? 2.134   2.101   0.454   1.00 63.68 ? 15  DG  A C6    1 
ATOM   315 O  O6    . DG  A 1 15 ? 1.031   1.550   0.339   1.00 58.35 ? 15  DG  A O6    1 
ATOM   316 N  N1    . DG  A 1 15 ? 2.854   1.979   1.641   1.00 56.26 ? 15  DG  A N1    1 
ATOM   317 C  C2    . DG  A 1 15 ? 4.084   2.547   1.877   1.00 60.39 ? 15  DG  A C2    1 
ATOM   318 N  N2    . DG  A 1 15 ? 4.622   2.317   3.083   1.00 59.39 ? 15  DG  A N2    1 
ATOM   319 N  N3    . DG  A 1 15 ? 4.740   3.288   0.993   1.00 65.15 ? 15  DG  A N3    1 
ATOM   320 C  C4    . DG  A 1 15 ? 4.052   3.416   -0.168  1.00 58.34 ? 15  DG  A C4    1 
ATOM   321 P  P     . DG  A 1 16 ? 9.859   4.812   -2.756  1.00 66.49 ? 16  DG  A P     1 
ATOM   322 O  OP1   . DG  A 1 16 ? 10.994  5.751   -2.894  1.00 81.16 ? 16  DG  A OP1   1 
ATOM   323 O  OP2   . DG  A 1 16 ? 9.409   4.029   -3.927  1.00 80.49 ? 16  DG  A OP2   1 
ATOM   324 O  "O5'" . DG  A 1 16 ? 10.185  3.789   -1.571  1.00 66.15 ? 16  DG  A "O5'" 1 
ATOM   325 C  "C5'" . DG  A 1 16 ? 10.514  4.286   -0.280  1.00 66.47 ? 16  DG  A "C5'" 1 
ATOM   326 C  "C4'" . DG  A 1 16 ? 10.504  3.172   0.751   1.00 59.92 ? 16  DG  A "C4'" 1 
ATOM   327 O  "O4'" . DG  A 1 16 ? 9.141   2.730   0.978   1.00 76.01 ? 16  DG  A "O4'" 1 
ATOM   328 C  "C3'" . DG  A 1 16 ? 11.305  1.926   0.365   1.00 65.39 ? 16  DG  A "C3'" 1 
ATOM   329 O  "O3'" . DG  A 1 16 ? 12.121  1.516   1.455   1.00 69.01 ? 16  DG  A "O3'" 1 
ATOM   330 C  "C2'" . DG  A 1 16 ? 10.228  0.889   0.045   1.00 58.90 ? 16  DG  A "C2'" 1 
ATOM   331 C  "C1'" . DG  A 1 16 ? 9.095   1.325   0.959   1.00 56.52 ? 16  DG  A "C1'" 1 
ATOM   332 N  N9    . DG  A 1 16 ? 7.776   0.914   0.487   1.00 60.68 ? 16  DG  A N9    1 
ATOM   333 C  C8    . DG  A 1 16 ? 7.198   1.220   -0.721  1.00 59.80 ? 16  DG  A C8    1 
ATOM   334 N  N7    . DG  A 1 16 ? 6.004   0.714   -0.869  1.00 57.36 ? 16  DG  A N7    1 
ATOM   335 C  C5    . DG  A 1 16 ? 5.775   0.032   0.319   1.00 61.82 ? 16  DG  A C5    1 
ATOM   336 C  C6    . DG  A 1 16 ? 4.648   -0.714  0.739   1.00 65.02 ? 16  DG  A C6    1 
ATOM   337 O  O6    . DG  A 1 16 ? 3.594   -0.925  0.122   1.00 66.86 ? 16  DG  A O6    1 
ATOM   338 N  N1    . DG  A 1 16 ? 4.826   -1.242  2.015   1.00 64.56 ? 16  DG  A N1    1 
ATOM   339 C  C2    . DG  A 1 16 ? 5.950   -1.072  2.787   1.00 62.29 ? 16  DG  A C2    1 
ATOM   340 N  N2    . DG  A 1 16 ? 5.938   -1.658  3.993   1.00 59.22 ? 16  DG  A N2    1 
ATOM   341 N  N3    . DG  A 1 16 ? 7.013   -0.375  2.406   1.00 61.23 ? 16  DG  A N3    1 
ATOM   342 C  C4    . DG  A 1 16 ? 6.856   0.146   1.165   1.00 57.96 ? 16  DG  A C4    1 
ATOM   343 P  P     . DT  A 1 17 ? 13.716  1.437   1.283   1.00 72.64 ? 17  DT  A P     1 
ATOM   344 O  OP1   . DT  A 1 17 ? 14.002  0.472   0.197   1.00 80.62 ? 17  DT  A OP1   1 
ATOM   345 O  OP2   . DT  A 1 17 ? 14.302  1.229   2.626   1.00 73.35 ? 17  DT  A OP2   1 
ATOM   346 O  "O5'" . DT  A 1 17 ? 14.124  2.904   0.792   1.00 75.73 ? 17  DT  A "O5'" 1 
ATOM   347 C  "C5'" . DT  A 1 17 ? 14.074  3.999   1.701   1.00 61.36 ? 17  DT  A "C5'" 1 
ATOM   348 C  "C4'" . DT  A 1 17 ? 14.758  5.221   1.111   1.00 79.27 ? 17  DT  A "C4'" 1 
ATOM   349 O  "O4'" . DT  A 1 17 ? 13.880  5.848   0.139   1.00 80.12 ? 17  DT  A "O4'" 1 
ATOM   350 C  "C3'" . DT  A 1 17 ? 15.121  6.308   2.124   1.00 75.12 ? 17  DT  A "C3'" 1 
ATOM   351 O  "O3'" . DT  A 1 17 ? 16.412  6.829   1.836   1.00 78.58 ? 17  DT  A "O3'" 1 
ATOM   352 C  "C2'" . DT  A 1 17 ? 14.033  7.358   1.916   1.00 71.64 ? 17  DT  A "C2'" 1 
ATOM   353 C  "C1'" . DT  A 1 17 ? 13.757  7.222   0.427   1.00 77.33 ? 17  DT  A "C1'" 1 
ATOM   354 N  N1    . DT  A 1 17 ? 12.391  7.668   0.032   1.00 78.28 ? 17  DT  A N1    1 
ATOM   355 C  C2    . DT  A 1 17 ? 12.203  8.258   -1.195  1.00 78.60 ? 17  DT  A C2    1 
ATOM   356 O  O2    . DT  A 1 17 ? 13.104  8.438   -1.994  1.00 83.13 ? 17  DT  A O2    1 
ATOM   357 N  N3    . DT  A 1 17 ? 10.912  8.631   -1.459  1.00 73.08 ? 17  DT  A N3    1 
ATOM   358 C  C4    . DT  A 1 17 ? 9.813   8.478   -0.634  1.00 66.89 ? 17  DT  A C4    1 
ATOM   359 O  O4    . DT  A 1 17 ? 8.690   8.849   -0.962  1.00 62.82 ? 17  DT  A O4    1 
ATOM   360 C  C5    . DT  A 1 17 ? 10.080  7.854   0.640   1.00 62.58 ? 17  DT  A C5    1 
ATOM   361 C  C7    . DT  A 1 17 ? 8.965   7.634   1.620   1.00 61.44 ? 17  DT  A C7    1 
ATOM   362 C  C6    . DT  A 1 17 ? 11.341  7.485   0.909   1.00 64.99 ? 17  DT  A C6    1 
ATOM   363 P  P     . DT  A 1 18 ? 17.491  7.001   3.015   1.00 80.80 ? 18  DT  A P     1 
ATOM   364 O  OP1   . DT  A 1 18 ? 18.729  7.548   2.416   1.00 83.29 ? 18  DT  A OP1   1 
ATOM   365 O  OP2   . DT  A 1 18 ? 17.539  5.728   3.769   1.00 74.78 ? 18  DT  A OP2   1 
ATOM   366 O  "O5'" . DT  A 1 18 ? 16.844  8.109   3.969   1.00 80.71 ? 18  DT  A "O5'" 1 
ATOM   367 C  "C5'" . DT  A 1 18 ? 17.458  8.428   5.211   1.00 79.50 ? 18  DT  A "C5'" 1 
ATOM   368 C  "C4'" . DT  A 1 18 ? 16.756  9.599   5.872   1.00 77.60 ? 18  DT  A "C4'" 1 
ATOM   369 O  "O4'" . DT  A 1 18 ? 17.059  10.817  5.145   1.00 66.74 ? 18  DT  A "O4'" 1 
ATOM   370 C  "C3'" . DT  A 1 18 ? 15.240  9.513   5.881   1.00 72.72 ? 18  DT  A "C3'" 1 
ATOM   371 O  "O3'" . DT  A 1 18 ? 14.799  8.791   7.024   1.00 79.03 ? 18  DT  A "O3'" 1 
ATOM   372 C  "C2'" . DT  A 1 18 ? 14.839  10.981  5.957   1.00 76.81 ? 18  DT  A "C2'" 1 
ATOM   373 C  "C1'" . DT  A 1 18 ? 15.910  11.646  5.093   1.00 69.89 ? 18  DT  A "C1'" 1 
ATOM   374 N  N1    . DT  A 1 18 ? 15.507  11.814  3.663   1.00 68.07 ? 18  DT  A N1    1 
ATOM   375 C  C2    . DT  A 1 18 ? 14.607  12.798  3.328   1.00 69.64 ? 18  DT  A C2    1 
ATOM   376 O  O2    . DT  A 1 18 ? 14.108  13.553  4.143   1.00 65.44 ? 18  DT  A O2    1 
ATOM   377 N  N3    . DT  A 1 18 ? 14.306  12.869  1.994   1.00 71.77 ? 18  DT  A N3    1 
ATOM   378 C  C4    . DT  A 1 18 ? 14.807  12.071  0.981   1.00 72.68 ? 18  DT  A C4    1 
ATOM   379 O  O4    . DT  A 1 18 ? 14.474  12.214  -0.191  1.00 73.55 ? 18  DT  A O4    1 
ATOM   380 C  C5    . DT  A 1 18 ? 15.747  11.059  1.400   1.00 72.50 ? 18  DT  A C5    1 
ATOM   381 C  C7    . DT  A 1 18 ? 16.358  10.133  0.391   1.00 70.75 ? 18  DT  A C7    1 
ATOM   382 C  C6    . DT  A 1 18 ? 16.050  10.981  2.705   1.00 71.33 ? 18  DT  A C6    1 
ATOM   383 P  P     . DA  A 1 19 ? 13.641  7.686   6.882   1.00 91.30 ? 19  DA  A P     1 
ATOM   384 O  OP1   . DA  A 1 19 ? 13.456  7.058   8.210   1.00 73.19 ? 19  DA  A OP1   1 
ATOM   385 O  OP2   . DA  A 1 19 ? 13.963  6.846   5.709   1.00 85.49 ? 19  DA  A OP2   1 
ATOM   386 O  "O5'" . DA  A 1 19 ? 12.334  8.539   6.530   1.00 65.77 ? 19  DA  A "O5'" 1 
ATOM   387 C  "C5'" . DA  A 1 19 ? 11.861  9.523   7.442   1.00 71.18 ? 19  DA  A "C5'" 1 
ATOM   388 C  "C4'" . DA  A 1 19 ? 10.557  10.132  6.953   1.00 67.72 ? 19  DA  A "C4'" 1 
ATOM   389 O  "O4'" . DA  A 1 19 ? 10.798  10.896  5.743   1.00 72.36 ? 19  DA  A "O4'" 1 
ATOM   390 C  "C3'" . DA  A 1 19 ? 9.460   9.122   6.615   1.00 68.96 ? 19  DA  A "C3'" 1 
ATOM   391 O  "O3'" . DA  A 1 19 ? 8.212   9.569   7.133   1.00 77.46 ? 19  DA  A "O3'" 1 
ATOM   392 C  "C2'" . DA  A 1 19 ? 9.459   9.099   5.086   1.00 65.13 ? 19  DA  A "C2'" 1 
ATOM   393 C  "C1'" . DA  A 1 19 ? 9.862   10.527  4.758   1.00 66.95 ? 19  DA  A "C1'" 1 
ATOM   394 N  N9    . DA  A 1 19 ? 10.492  10.674  3.449   1.00 72.30 ? 19  DA  A N9    1 
ATOM   395 C  C8    . DA  A 1 19 ? 11.771  10.331  3.106   1.00 70.69 ? 19  DA  A C8    1 
ATOM   396 N  N7    . DA  A 1 19 ? 12.068  10.581  1.853   1.00 71.36 ? 19  DA  A N7    1 
ATOM   397 C  C5    . DA  A 1 19 ? 10.906  11.129  1.338   1.00 64.57 ? 19  DA  A C5    1 
ATOM   398 C  C6    . DA  A 1 19 ? 10.570  11.609  0.056   1.00 66.97 ? 19  DA  A C6    1 
ATOM   399 N  N6    . DA  A 1 19 ? 11.418  11.607  -0.977  1.00 78.35 ? 19  DA  A N6    1 
ATOM   400 N  N1    . DA  A 1 19 ? 9.322   12.091  -0.122  1.00 66.33 ? 19  DA  A N1    1 
ATOM   401 C  C2    . DA  A 1 19 ? 8.476   12.091  0.914   1.00 69.46 ? 19  DA  A C2    1 
ATOM   402 N  N3    . DA  A 1 19 ? 8.677   11.670  2.161   1.00 66.46 ? 19  DA  A N3    1 
ATOM   403 C  C4    . DA  A 1 19 ? 9.925   11.196  2.308   1.00 67.73 ? 19  DA  A C4    1 
ATOM   404 P  P     . DG  A 1 20 ? 7.723   9.090   8.588   1.00 74.18 ? 20  DG  A P     1 
ATOM   405 O  OP1   . DG  A 1 20 ? 6.467   9.810   8.894   1.00 71.78 ? 20  DG  A OP1   1 
ATOM   406 O  OP2   . DG  A 1 20 ? 8.870   9.190   9.516   1.00 76.42 ? 20  DG  A OP2   1 
ATOM   407 O  "O5'" . DG  A 1 20 ? 7.392   7.539   8.391   1.00 70.11 ? 20  DG  A "O5'" 1 
ATOM   408 C  "C5'" . DG  A 1 20 ? 6.131   7.143   7.870   1.00 70.21 ? 20  DG  A "C5'" 1 
ATOM   409 C  "C4'" . DG  A 1 20 ? 5.517   6.055   8.732   1.00 67.46 ? 20  DG  A "C4'" 1 
ATOM   410 O  "O4'" . DG  A 1 20 ? 4.163   5.784   8.282   1.00 71.93 ? 20  DG  A "O4'" 1 
ATOM   411 C  "C3'" . DG  A 1 20 ? 6.249   4.716   8.693   1.00 74.53 ? 20  DG  A "C3'" 1 
ATOM   412 O  "O3'" . DG  A 1 20 ? 6.197   4.096   9.973   1.00 80.54 ? 20  DG  A "O3'" 1 
ATOM   413 C  "C2'" . DG  A 1 20 ? 5.455   3.930   7.655   1.00 67.80 ? 20  DG  A "C2'" 1 
ATOM   414 C  "C1'" . DG  A 1 20 ? 4.041   4.425   7.920   1.00 68.26 ? 20  DG  A "C1'" 1 
ATOM   415 N  N9    . DG  A 1 20 ? 3.166   4.334   6.756   1.00 63.63 ? 20  DG  A N9    1 
ATOM   416 C  C8    . DG  A 1 20 ? 3.307   5.001   5.562   1.00 62.39 ? 20  DG  A C8    1 
ATOM   417 N  N7    . DG  A 1 20 ? 2.371   4.724   4.698   1.00 64.88 ? 20  DG  A N7    1 
ATOM   418 C  C5    . DG  A 1 20 ? 1.555   3.814   5.361   1.00 62.49 ? 20  DG  A C5    1 
ATOM   419 C  C6    . DG  A 1 20 ? 0.379   3.161   4.925   1.00 58.91 ? 20  DG  A C6    1 
ATOM   420 O  O6    . DG  A 1 20 ? -0.192  3.259   3.831   1.00 60.17 ? 20  DG  A O6    1 
ATOM   421 N  N1    . DG  A 1 20 ? -0.138  2.320   5.909   1.00 51.77 ? 20  DG  A N1    1 
ATOM   422 C  C2    . DG  A 1 20 ? 0.414   2.135   7.154   1.00 58.05 ? 20  DG  A C2    1 
ATOM   423 N  N2    . DG  A 1 20 ? -0.227  1.284   7.968   1.00 57.60 ? 20  DG  A N2    1 
ATOM   424 N  N3    . DG  A 1 20 ? 1.516   2.743   7.575   1.00 61.99 ? 20  DG  A N3    1 
ATOM   425 C  C4    . DG  A 1 20 ? 2.031   3.565   6.628   1.00 54.77 ? 20  DG  A C4    1 
ATOM   426 P  P     . DG  A 1 21 ? 7.279   2.980   10.378  1.00 86.58 ? 21  DG  A P     1 
ATOM   427 O  OP1   . DG  A 1 21 ? 8.069   3.510   11.511  1.00 85.19 ? 21  DG  A OP1   1 
ATOM   428 O  OP2   . DG  A 1 21 ? 7.968   2.543   9.144   1.00 79.05 ? 21  DG  A OP2   1 
ATOM   429 O  "O5'" . DG  A 1 21 ? 6.386   1.759   10.897  1.00 79.88 ? 21  DG  A "O5'" 1 
ATOM   430 C  "C5'" . DG  A 1 21 ? 5.197   1.410   10.201  1.00 79.71 ? 21  DG  A "C5'" 1 
ATOM   431 C  "C4'" . DG  A 1 21 ? 4.785   -0.016  10.505  1.00 76.01 ? 21  DG  A "C4'" 1 
ATOM   432 O  "O4'" . DG  A 1 21 ? 3.656   -0.369  9.670   1.00 73.17 ? 21  DG  A "O4'" 1 
ATOM   433 C  "C3'" . DG  A 1 21 ? 5.837   -1.065  10.198  1.00 80.51 ? 21  DG  A "C3'" 1 
ATOM   434 O  "O3'" . DG  A 1 21 ? 5.590   -2.237  10.965  1.00 82.88 ? 21  DG  A "O3'" 1 
ATOM   435 C  "C2'" . DG  A 1 21 ? 5.607   -1.312  8.711   1.00 65.59 ? 21  DG  A "C2'" 1 
ATOM   436 C  "C1'" . DG  A 1 21 ? 4.087   -1.194  8.601   1.00 75.85 ? 21  DG  A "C1'" 1 
ATOM   437 N  N9    . DG  A 1 21 ? 3.646   -0.591  7.346   1.00 69.38 ? 21  DG  A N9    1 
ATOM   438 C  C8    . DG  A 1 21 ? 4.275   0.406   6.642   1.00 67.63 ? 21  DG  A C8    1 
ATOM   439 N  N7    . DG  A 1 21 ? 3.649   0.746   5.549   1.00 55.77 ? 21  DG  A N7    1 
ATOM   440 C  C5    . DG  A 1 21 ? 2.533   -0.079  5.527   1.00 61.98 ? 21  DG  A C5    1 
ATOM   441 C  C6    . DG  A 1 21 ? 1.484   -0.169  4.582   1.00 63.04 ? 21  DG  A C6    1 
ATOM   442 O  O6    . DG  A 1 21 ? 1.330   0.489   3.543   1.00 55.79 ? 21  DG  A O6    1 
ATOM   443 N  N1    . DG  A 1 21 ? 0.549   -1.138  4.939   1.00 51.62 ? 21  DG  A N1    1 
ATOM   444 C  C2    . DG  A 1 21 ? 0.621   -1.923  6.066   1.00 60.15 ? 21  DG  A C2    1 
ATOM   445 N  N2    . DG  A 1 21 ? -0.374  -2.804  6.240   1.00 63.25 ? 21  DG  A N2    1 
ATOM   446 N  N3    . DG  A 1 21 ? 1.598   -1.849  6.960   1.00 62.46 ? 21  DG  A N3    1 
ATOM   447 C  C4    . DG  A 1 21 ? 2.516   -0.910  6.627   1.00 61.38 ? 21  DG  A C4    1 
ATOM   448 P  P     . DG  A 1 22 ? 6.675   -3.422  11.017  1.00 91.26 ? 22  DG  A P     1 
ATOM   449 O  OP1   . DG  A 1 22 ? 6.934   -3.718  12.444  1.00 86.32 ? 22  DG  A OP1   1 
ATOM   450 O  OP2   . DG  A 1 22 ? 7.802   -3.064  10.130  1.00 79.78 ? 22  DG  A OP2   1 
ATOM   451 O  "O5'" . DG  A 1 22 ? 5.908   -4.667  10.369  1.00 81.36 ? 22  DG  A "O5'" 1 
ATOM   452 C  "C5'" . DG  A 1 22 ? 4.738   -5.182  10.994  1.00 79.99 ? 22  DG  A "C5'" 1 
ATOM   453 C  "C4'" . DG  A 1 22 ? 4.010   -6.151  10.078  1.00 87.54 ? 22  DG  A "C4'" 1 
ATOM   454 O  "O4'" . DG  A 1 22 ? 3.389   -5.421  8.988   1.00 85.80 ? 22  DG  A "O4'" 1 
ATOM   455 C  "C3'" . DG  A 1 22 ? 4.897   -7.221  9.430   1.00 89.74 ? 22  DG  A "C3'" 1 
ATOM   456 O  "O3'" . DG  A 1 22 ? 4.294   -8.502  9.572   1.00 89.09 ? 22  DG  A "O3'" 1 
ATOM   457 C  "C2'" . DG  A 1 22 ? 4.967   -6.793  7.964   1.00 80.22 ? 22  DG  A "C2'" 1 
ATOM   458 C  "C1'" . DG  A 1 22 ? 3.627   -6.101  7.781   1.00 77.89 ? 22  DG  A "C1'" 1 
ATOM   459 N  N9    . DG  A 1 22 ? 3.613   -5.131  6.691   1.00 74.30 ? 22  DG  A N9    1 
ATOM   460 C  C8    . DG  A 1 22 ? 4.495   -4.095  6.493   1.00 72.99 ? 22  DG  A C8    1 
ATOM   461 N  N7    . DG  A 1 22 ? 4.235   -3.387  5.430   1.00 67.43 ? 22  DG  A N7    1 
ATOM   462 C  C5    . DG  A 1 22 ? 3.109   -3.991  4.886   1.00 66.35 ? 22  DG  A C5    1 
ATOM   463 C  C6    . DG  A 1 22 ? 2.369   -3.661  3.726   1.00 65.09 ? 22  DG  A C6    1 
ATOM   464 O  O6    . DG  A 1 22 ? 2.571   -2.739  2.923   1.00 69.48 ? 22  DG  A O6    1 
ATOM   465 N  N1    . DG  A 1 22 ? 1.296   -4.529  3.535   1.00 69.07 ? 22  DG  A N1    1 
ATOM   466 C  C2    . DG  A 1 22 ? 0.979   -5.581  4.360   1.00 64.68 ? 22  DG  A C2    1 
ATOM   467 N  N2    . DG  A 1 22 ? -0.093  -6.308  4.013   1.00 54.43 ? 22  DG  A N2    1 
ATOM   468 N  N3    . DG  A 1 22 ? 1.665   -5.901  5.452   1.00 60.95 ? 22  DG  A N3    1 
ATOM   469 C  C4    . DG  A 1 22 ? 2.713   -5.065  5.651   1.00 70.25 ? 22  DG  A C4    1 
HETATM 470 K  K     . K   B 2 .  ? 0.862   -1.215  1.190   1.00 62.70 ? 101 K   A K     1 
HETATM 471 K  K     . K   C 2 .  ? -1.098  1.100   2.186   1.00 50.49 ? 102 K   A K     1 
HETATM 472 K  K     . K   D 2 .  ? -2.994  3.565   3.328   0.50 49.80 ? 103 K   A K     1 
# 
loop_
_pdbx_poly_seq_scheme.asym_id 
_pdbx_poly_seq_scheme.entity_id 
_pdbx_poly_seq_scheme.seq_id 
_pdbx_poly_seq_scheme.mon_id 
_pdbx_poly_seq_scheme.ndb_seq_num 
_pdbx_poly_seq_scheme.pdb_seq_num 
_pdbx_poly_seq_scheme.auth_seq_num 
_pdbx_poly_seq_scheme.pdb_mon_id 
_pdbx_poly_seq_scheme.auth_mon_id 
_pdbx_poly_seq_scheme.pdb_strand_id 
_pdbx_poly_seq_scheme.pdb_ins_code 
_pdbx_poly_seq_scheme.hetero 
A 1 1  DA  1  1  1  DA  DA  A . n 
A 1 2  DG  2  2  2  DG  DG  A . n 
A 1 3  DG  3  3  3  DG  DG  A . n 
A 1 4  DG  4  4  4  DG  DG  A . n 
A 1 5  DT  5  5  5  DT  DT  A . n 
A 1 6  DT  6  6  6  DT  DT  A . n 
A 1 7  DA  7  7  7  DA  DA  A . n 
A 1 8  DG  8  8  8  DG  DG  A . n 
A 1 9  DG  9  9  9  DG  DG  A . n 
A 1 10 DG  10 10 10 DG  DG  A . n 
A 1 11 DT  11 11 11 DT  DT  A . n 
A 1 12 AWC 12 12 12 AWC 75B A . n 
A 1 13 DA  13 13 13 DA  DA  A . n 
A 1 14 DG  14 14 14 DG  DG  A . n 
A 1 15 DG  15 15 15 DG  DG  A . n 
A 1 16 DG  16 16 16 DG  DG  A . n 
A 1 17 DT  17 17 17 DT  DT  A . n 
A 1 18 DT  18 18 18 DT  DT  A . n 
A 1 19 DA  19 19 19 DA  DA  A . n 
A 1 20 DG  20 20 20 DG  DG  A . n 
A 1 21 DG  21 21 21 DG  DG  A . n 
A 1 22 DG  22 22 22 DG  DG  A . n 
# 
loop_
_pdbx_nonpoly_scheme.asym_id 
_pdbx_nonpoly_scheme.entity_id 
_pdbx_nonpoly_scheme.mon_id 
_pdbx_nonpoly_scheme.ndb_seq_num 
_pdbx_nonpoly_scheme.pdb_seq_num 
_pdbx_nonpoly_scheme.auth_seq_num 
_pdbx_nonpoly_scheme.pdb_mon_id 
_pdbx_nonpoly_scheme.auth_mon_id 
_pdbx_nonpoly_scheme.pdb_strand_id 
_pdbx_nonpoly_scheme.pdb_ins_code 
B 2 K 1 101 1 K K A . 
C 2 K 1 102 2 K K A . 
D 2 K 1 103 3 K K A . 
# 
_pdbx_struct_assembly.id                   1 
_pdbx_struct_assembly.details              author_and_software_defined_assembly 
_pdbx_struct_assembly.method_details       PISA 
_pdbx_struct_assembly.oligomeric_details   monomeric 
_pdbx_struct_assembly.oligomeric_count     1 
# 
_pdbx_struct_assembly_gen.assembly_id       1 
_pdbx_struct_assembly_gen.oper_expression   1 
_pdbx_struct_assembly_gen.asym_id_list      A,B,C,D 
# 
loop_
_pdbx_struct_assembly_prop.biol_id 
_pdbx_struct_assembly_prop.type 
_pdbx_struct_assembly_prop.value 
_pdbx_struct_assembly_prop.details 
1 'ABSA (A^2)' 70   ? 
1 MORE         -0   ? 
1 'SSA (A^2)'  4660 ? 
# 
_pdbx_struct_oper_list.id                   1 
_pdbx_struct_oper_list.type                 'identity operation' 
_pdbx_struct_oper_list.name                 1_555 
_pdbx_struct_oper_list.symmetry_operation   x,y,z 
_pdbx_struct_oper_list.matrix[1][1]         1.0000000000 
_pdbx_struct_oper_list.matrix[1][2]         0.0000000000 
_pdbx_struct_oper_list.matrix[1][3]         0.0000000000 
_pdbx_struct_oper_list.vector[1]            0.0000000000 
_pdbx_struct_oper_list.matrix[2][1]         0.0000000000 
_pdbx_struct_oper_list.matrix[2][2]         1.0000000000 
_pdbx_struct_oper_list.matrix[2][3]         0.0000000000 
_pdbx_struct_oper_list.vector[2]            0.0000000000 
_pdbx_struct_oper_list.matrix[3][1]         0.0000000000 
_pdbx_struct_oper_list.matrix[3][2]         0.0000000000 
_pdbx_struct_oper_list.matrix[3][3]         1.0000000000 
_pdbx_struct_oper_list.vector[3]            0.0000000000 
# 
_pdbx_struct_special_symmetry.id              1 
_pdbx_struct_special_symmetry.PDB_model_num   1 
_pdbx_struct_special_symmetry.auth_asym_id    A 
_pdbx_struct_special_symmetry.auth_comp_id    K 
_pdbx_struct_special_symmetry.auth_seq_id     103 
_pdbx_struct_special_symmetry.PDB_ins_code    ? 
_pdbx_struct_special_symmetry.label_asym_id   D 
_pdbx_struct_special_symmetry.label_comp_id   K 
_pdbx_struct_special_symmetry.label_seq_id    . 
# 
loop_
_pdbx_struct_conn_angle.id 
_pdbx_struct_conn_angle.ptnr1_label_atom_id 
_pdbx_struct_conn_angle.ptnr1_label_alt_id 
_pdbx_struct_conn_angle.ptnr1_label_asym_id 
_pdbx_struct_conn_angle.ptnr1_label_comp_id 
_pdbx_struct_conn_angle.ptnr1_label_seq_id 
_pdbx_struct_conn_angle.ptnr1_auth_atom_id 
_pdbx_struct_conn_angle.ptnr1_auth_asym_id 
_pdbx_struct_conn_angle.ptnr1_auth_comp_id 
_pdbx_struct_conn_angle.ptnr1_auth_seq_id 
_pdbx_struct_conn_angle.ptnr1_PDB_ins_code 
_pdbx_struct_conn_angle.ptnr1_symmetry 
_pdbx_struct_conn_angle.ptnr2_label_atom_id 
_pdbx_struct_conn_angle.ptnr2_label_alt_id 
_pdbx_struct_conn_angle.ptnr2_label_asym_id 
_pdbx_struct_conn_angle.ptnr2_label_comp_id 
_pdbx_struct_conn_angle.ptnr2_label_seq_id 
_pdbx_struct_conn_angle.ptnr2_auth_atom_id 
_pdbx_struct_conn_angle.ptnr2_auth_asym_id 
_pdbx_struct_conn_angle.ptnr2_auth_comp_id 
_pdbx_struct_conn_angle.ptnr2_auth_seq_id 
_pdbx_struct_conn_angle.ptnr2_PDB_ins_code 
_pdbx_struct_conn_angle.ptnr2_symmetry 
_pdbx_struct_conn_angle.ptnr3_label_atom_id 
_pdbx_struct_conn_angle.ptnr3_label_alt_id 
_pdbx_struct_conn_angle.ptnr3_label_asym_id 
_pdbx_struct_conn_angle.ptnr3_label_comp_id 
_pdbx_struct_conn_angle.ptnr3_label_seq_id 
_pdbx_struct_conn_angle.ptnr3_auth_atom_id 
_pdbx_struct_conn_angle.ptnr3_auth_asym_id 
_pdbx_struct_conn_angle.ptnr3_auth_comp_id 
_pdbx_struct_conn_angle.ptnr3_auth_seq_id 
_pdbx_struct_conn_angle.ptnr3_PDB_ins_code 
_pdbx_struct_conn_angle.ptnr3_symmetry 
_pdbx_struct_conn_angle.value 
_pdbx_struct_conn_angle.value_esd 
1  O6 ? A DG 2  ? A DG 2  ? 1_555 K ? C K . ? A K 102 ? 1_555 O6 ? A DG 3  ? A DG 3  ? 1_555 70.8  ? 
2  O6 ? A DG 2  ? A DG 2  ? 1_555 K ? C K . ? A K 102 ? 1_555 O6 ? A DG 8  ? A DG 8  ? 1_555 73.8  ? 
3  O6 ? A DG 3  ? A DG 3  ? 1_555 K ? C K . ? A K 102 ? 1_555 O6 ? A DG 8  ? A DG 8  ? 1_555 97.2  ? 
4  O6 ? A DG 2  ? A DG 2  ? 1_555 K ? C K . ? A K 102 ? 1_555 O6 ? A DG 9  ? A DG 9  ? 1_555 128.8 ? 
5  O6 ? A DG 3  ? A DG 3  ? 1_555 K ? C K . ? A K 102 ? 1_555 O6 ? A DG 9  ? A DG 9  ? 1_555 75.1  ? 
6  O6 ? A DG 8  ? A DG 8  ? 1_555 K ? C K . ? A K 102 ? 1_555 O6 ? A DG 9  ? A DG 9  ? 1_555 73.9  ? 
7  O6 ? A DG 2  ? A DG 2  ? 1_555 K ? C K . ? A K 102 ? 1_555 O6 ? A DG 14 ? A DG 14 ? 1_555 110.4 ? 
8  O6 ? A DG 3  ? A DG 3  ? 1_555 K ? C K . ? A K 102 ? 1_555 O6 ? A DG 14 ? A DG 14 ? 1_555 161.9 ? 
9  O6 ? A DG 8  ? A DG 8  ? 1_555 K ? C K . ? A K 102 ? 1_555 O6 ? A DG 14 ? A DG 14 ? 1_555 66.9  ? 
10 O6 ? A DG 9  ? A DG 9  ? 1_555 K ? C K . ? A K 102 ? 1_555 O6 ? A DG 14 ? A DG 14 ? 1_555 91.6  ? 
11 O6 ? A DG 2  ? A DG 2  ? 1_555 K ? C K . ? A K 102 ? 1_555 O6 ? A DG 15 ? A DG 15 ? 1_555 158.4 ? 
12 O6 ? A DG 3  ? A DG 3  ? 1_555 K ? C K . ? A K 102 ? 1_555 O6 ? A DG 15 ? A DG 15 ? 1_555 114.0 ? 
13 O6 ? A DG 8  ? A DG 8  ? 1_555 K ? C K . ? A K 102 ? 1_555 O6 ? A DG 15 ? A DG 15 ? 1_555 124.3 ? 
14 O6 ? A DG 9  ? A DG 9  ? 1_555 K ? C K . ? A K 102 ? 1_555 O6 ? A DG 15 ? A DG 15 ? 1_555 71.6  ? 
15 O6 ? A DG 14 ? A DG 14 ? 1_555 K ? C K . ? A K 102 ? 1_555 O6 ? A DG 15 ? A DG 15 ? 1_555 71.9  ? 
16 O6 ? A DG 2  ? A DG 2  ? 1_555 K ? C K . ? A K 102 ? 1_555 O6 ? A DG 20 ? A DG 20 ? 1_555 70.3  ? 
17 O6 ? A DG 3  ? A DG 3  ? 1_555 K ? C K . ? A K 102 ? 1_555 O6 ? A DG 20 ? A DG 20 ? 1_555 123.8 ? 
18 O6 ? A DG 8  ? A DG 8  ? 1_555 K ? C K . ? A K 102 ? 1_555 O6 ? A DG 20 ? A DG 20 ? 1_555 109.0 ? 
19 O6 ? A DG 9  ? A DG 9  ? 1_555 K ? C K . ? A K 102 ? 1_555 O6 ? A DG 20 ? A DG 20 ? 1_555 159.1 ? 
20 O6 ? A DG 14 ? A DG 14 ? 1_555 K ? C K . ? A K 102 ? 1_555 O6 ? A DG 20 ? A DG 20 ? 1_555 71.6  ? 
21 O6 ? A DG 15 ? A DG 15 ? 1_555 K ? C K . ? A K 102 ? 1_555 O6 ? A DG 20 ? A DG 20 ? 1_555 91.0  ? 
22 O6 ? A DG 2  ? A DG 2  ? 1_555 K ? C K . ? A K 102 ? 1_555 O6 ? A DG 21 ? A DG 21 ? 1_555 89.4  ? 
23 O6 ? A DG 3  ? A DG 3  ? 1_555 K ? C K . ? A K 102 ? 1_555 O6 ? A DG 21 ? A DG 21 ? 1_555 73.0  ? 
24 O6 ? A DG 8  ? A DG 8  ? 1_555 K ? C K . ? A K 102 ? 1_555 O6 ? A DG 21 ? A DG 21 ? 1_555 162.8 ? 
25 O6 ? A DG 9  ? A DG 9  ? 1_555 K ? C K . ? A K 102 ? 1_555 O6 ? A DG 21 ? A DG 21 ? 1_555 115.7 ? 
26 O6 ? A DG 14 ? A DG 14 ? 1_555 K ? C K . ? A K 102 ? 1_555 O6 ? A DG 21 ? A DG 21 ? 1_555 124.5 ? 
27 O6 ? A DG 15 ? A DG 15 ? 1_555 K ? C K . ? A K 102 ? 1_555 O6 ? A DG 21 ? A DG 21 ? 1_555 72.9  ? 
28 O6 ? A DG 20 ? A DG 20 ? 1_555 K ? C K . ? A K 102 ? 1_555 O6 ? A DG 21 ? A DG 21 ? 1_555 67.6  ? 
29 O6 ? A DG 2  ? A DG 2  ? 1_555 K ? D K . ? A K 103 ? 1_555 O6 ? A DG 2  ? A DG 2  ? 1_555 0.0   ? 
30 O6 ? A DG 2  ? A DG 2  ? 1_555 K ? D K . ? A K 103 ? 1_555 O6 ? A DG 8  ? A DG 8  ? 1_555 73.5  ? 
31 O6 ? A DG 2  ? A DG 2  ? 1_555 K ? D K . ? A K 103 ? 1_555 O6 ? A DG 8  ? A DG 8  ? 1_555 73.5  ? 
32 O6 ? A DG 2  ? A DG 2  ? 1_555 K ? D K . ? A K 103 ? 1_555 O6 ? A DG 8  ? A DG 8  ? 1_555 73.5  ? 
33 O6 ? A DG 2  ? A DG 2  ? 1_555 K ? D K . ? A K 103 ? 1_555 O6 ? A DG 8  ? A DG 8  ? 1_555 73.5  ? 
34 O6 ? A DG 8  ? A DG 8  ? 1_555 K ? D K . ? A K 103 ? 1_555 O6 ? A DG 8  ? A DG 8  ? 1_555 0.0   ? 
35 O6 ? A DG 2  ? A DG 2  ? 1_555 K ? D K . ? A K 103 ? 1_555 O6 ? A DG 14 ? A DG 14 ? 1_555 110.2 ? 
36 O6 ? A DG 2  ? A DG 2  ? 1_555 K ? D K . ? A K 103 ? 1_555 O6 ? A DG 14 ? A DG 14 ? 1_555 110.2 ? 
37 O6 ? A DG 8  ? A DG 8  ? 1_555 K ? D K . ? A K 103 ? 1_555 O6 ? A DG 14 ? A DG 14 ? 1_555 67.3  ? 
38 O6 ? A DG 8  ? A DG 8  ? 1_555 K ? D K . ? A K 103 ? 1_555 O6 ? A DG 14 ? A DG 14 ? 1_555 67.3  ? 
39 O6 ? A DG 2  ? A DG 2  ? 1_555 K ? D K . ? A K 103 ? 1_555 O6 ? A DG 14 ? A DG 14 ? 1_555 110.2 ? 
40 O6 ? A DG 2  ? A DG 2  ? 1_555 K ? D K . ? A K 103 ? 1_555 O6 ? A DG 14 ? A DG 14 ? 1_555 110.2 ? 
41 O6 ? A DG 8  ? A DG 8  ? 1_555 K ? D K . ? A K 103 ? 1_555 O6 ? A DG 14 ? A DG 14 ? 1_555 67.3  ? 
42 O6 ? A DG 8  ? A DG 8  ? 1_555 K ? D K . ? A K 103 ? 1_555 O6 ? A DG 14 ? A DG 14 ? 1_555 67.3  ? 
43 O6 ? A DG 14 ? A DG 14 ? 1_555 K ? D K . ? A K 103 ? 1_555 O6 ? A DG 14 ? A DG 14 ? 1_555 0.0   ? 
44 O6 ? A DG 2  ? A DG 2  ? 1_555 K ? D K . ? A K 103 ? 1_555 O6 ? A DG 20 ? A DG 20 ? 1_555 69.9  ? 
45 O6 ? A DG 2  ? A DG 2  ? 1_555 K ? D K . ? A K 103 ? 1_555 O6 ? A DG 20 ? A DG 20 ? 1_555 69.9  ? 
46 O6 ? A DG 8  ? A DG 8  ? 1_555 K ? D K . ? A K 103 ? 1_555 O6 ? A DG 20 ? A DG 20 ? 1_555 109.3 ? 
47 O6 ? A DG 8  ? A DG 8  ? 1_555 K ? D K . ? A K 103 ? 1_555 O6 ? A DG 20 ? A DG 20 ? 1_555 109.3 ? 
48 O6 ? A DG 14 ? A DG 14 ? 1_555 K ? D K . ? A K 103 ? 1_555 O6 ? A DG 20 ? A DG 20 ? 1_555 71.9  ? 
49 O6 ? A DG 14 ? A DG 14 ? 1_555 K ? D K . ? A K 103 ? 1_555 O6 ? A DG 20 ? A DG 20 ? 1_555 71.9  ? 
50 O6 ? A DG 2  ? A DG 2  ? 1_555 K ? D K . ? A K 103 ? 1_555 O6 ? A DG 20 ? A DG 20 ? 1_555 69.9  ? 
51 O6 ? A DG 2  ? A DG 2  ? 1_555 K ? D K . ? A K 103 ? 1_555 O6 ? A DG 20 ? A DG 20 ? 1_555 69.9  ? 
52 O6 ? A DG 8  ? A DG 8  ? 1_555 K ? D K . ? A K 103 ? 1_555 O6 ? A DG 20 ? A DG 20 ? 1_555 109.3 ? 
53 O6 ? A DG 8  ? A DG 8  ? 1_555 K ? D K . ? A K 103 ? 1_555 O6 ? A DG 20 ? A DG 20 ? 1_555 109.3 ? 
54 O6 ? A DG 14 ? A DG 14 ? 1_555 K ? D K . ? A K 103 ? 1_555 O6 ? A DG 20 ? A DG 20 ? 1_555 71.9  ? 
55 O6 ? A DG 14 ? A DG 14 ? 1_555 K ? D K . ? A K 103 ? 1_555 O6 ? A DG 20 ? A DG 20 ? 1_555 71.9  ? 
56 O6 ? A DG 20 ? A DG 20 ? 1_555 K ? D K . ? A K 103 ? 1_555 O6 ? A DG 20 ? A DG 20 ? 1_555 0.0   ? 
57 O6 ? A DG 3  ? A DG 3  ? 1_555 K ? B K . ? A K 101 ? 1_555 O6 ? A DG 4  ? A DG 4  ? 1_555 71.0  ? 
58 O6 ? A DG 3  ? A DG 3  ? 1_555 K ? B K . ? A K 101 ? 1_555 O6 ? A DG 9  ? A DG 9  ? 1_555 73.3  ? 
59 O6 ? A DG 4  ? A DG 4  ? 1_555 K ? B K . ? A K 101 ? 1_555 O6 ? A DG 9  ? A DG 9  ? 1_555 89.4  ? 
60 O6 ? A DG 3  ? A DG 3  ? 1_555 K ? B K . ? A K 101 ? 1_555 O6 ? A DG 10 ? A DG 10 ? 1_555 127.5 ? 
61 O6 ? A DG 4  ? A DG 4  ? 1_555 K ? B K . ? A K 101 ? 1_555 O6 ? A DG 10 ? A DG 10 ? 1_555 72.3  ? 
62 O6 ? A DG 9  ? A DG 9  ? 1_555 K ? B K . ? A K 101 ? 1_555 O6 ? A DG 10 ? A DG 10 ? 1_555 70.0  ? 
63 O6 ? A DG 3  ? A DG 3  ? 1_555 K ? B K . ? A K 101 ? 1_555 O6 ? A DG 15 ? A DG 15 ? 1_555 112.0 ? 
64 O6 ? A DG 4  ? A DG 4  ? 1_555 K ? B K . ? A K 101 ? 1_555 O6 ? A DG 15 ? A DG 15 ? 1_555 155.7 ? 
65 O6 ? A DG 9  ? A DG 9  ? 1_555 K ? B K . ? A K 101 ? 1_555 O6 ? A DG 15 ? A DG 15 ? 1_555 69.5  ? 
66 O6 ? A DG 10 ? A DG 10 ? 1_555 K ? B K . ? A K 101 ? 1_555 O6 ? A DG 15 ? A DG 15 ? 1_555 88.6  ? 
67 O6 ? A DG 3  ? A DG 3  ? 1_555 K ? B K . ? A K 101 ? 1_555 O6 ? A DG 16 ? A DG 16 ? 1_555 160.0 ? 
68 O6 ? A DG 4  ? A DG 4  ? 1_555 K ? B K . ? A K 101 ? 1_555 O6 ? A DG 16 ? A DG 16 ? 1_555 110.4 ? 
69 O6 ? A DG 9  ? A DG 9  ? 1_555 K ? B K . ? A K 101 ? 1_555 O6 ? A DG 16 ? A DG 16 ? 1_555 126.1 ? 
70 O6 ? A DG 10 ? A DG 10 ? 1_555 K ? B K . ? A K 101 ? 1_555 O6 ? A DG 16 ? A DG 16 ? 1_555 69.7  ? 
71 O6 ? A DG 15 ? A DG 15 ? 1_555 K ? B K . ? A K 101 ? 1_555 O6 ? A DG 16 ? A DG 16 ? 1_555 75.3  ? 
72 O6 ? A DG 3  ? A DG 3  ? 1_555 K ? B K . ? A K 101 ? 1_555 O6 ? A DG 21 ? A DG 21 ? 1_555 71.4  ? 
73 O6 ? A DG 4  ? A DG 4  ? 1_555 K ? B K . ? A K 101 ? 1_555 O6 ? A DG 21 ? A DG 21 ? 1_555 130.0 ? 
74 O6 ? A DG 9  ? A DG 9  ? 1_555 K ? B K . ? A K 101 ? 1_555 O6 ? A DG 21 ? A DG 21 ? 1_555 109.9 ? 
75 O6 ? A DG 10 ? A DG 10 ? 1_555 K ? B K . ? A K 101 ? 1_555 O6 ? A DG 21 ? A DG 21 ? 1_555 157.3 ? 
76 O6 ? A DG 15 ? A DG 15 ? 1_555 K ? B K . ? A K 101 ? 1_555 O6 ? A DG 21 ? A DG 21 ? 1_555 70.9  ? 
77 O6 ? A DG 16 ? A DG 16 ? 1_555 K ? B K . ? A K 101 ? 1_555 O6 ? A DG 21 ? A DG 21 ? 1_555 94.9  ? 
78 O6 ? A DG 3  ? A DG 3  ? 1_555 K ? B K . ? A K 101 ? 1_555 O6 ? A DG 22 ? A DG 22 ? 1_555 88.3  ? 
79 O6 ? A DG 4  ? A DG 4  ? 1_555 K ? B K . ? A K 101 ? 1_555 O6 ? A DG 22 ? A DG 22 ? 1_555 72.7  ? 
80 O6 ? A DG 9  ? A DG 9  ? 1_555 K ? B K . ? A K 101 ? 1_555 O6 ? A DG 22 ? A DG 22 ? 1_555 157.9 ? 
81 O6 ? A DG 10 ? A DG 10 ? 1_555 K ? B K . ? A K 101 ? 1_555 O6 ? A DG 22 ? A DG 22 ? 1_555 114.8 ? 
82 O6 ? A DG 15 ? A DG 15 ? 1_555 K ? B K . ? A K 101 ? 1_555 O6 ? A DG 22 ? A DG 22 ? 1_555 130.5 ? 
83 O6 ? A DG 16 ? A DG 16 ? 1_555 K ? B K . ? A K 101 ? 1_555 O6 ? A DG 22 ? A DG 22 ? 1_555 73.7  ? 
84 O6 ? A DG 21 ? A DG 21 ? 1_555 K ? B K . ? A K 101 ? 1_555 O6 ? A DG 22 ? A DG 22 ? 1_555 74.3  ? 
# 
loop_
_pdbx_audit_revision_history.ordinal 
_pdbx_audit_revision_history.data_content_type 
_pdbx_audit_revision_history.major_revision 
_pdbx_audit_revision_history.minor_revision 
_pdbx_audit_revision_history.revision_date 
1 'Structure model' 1 0 2019-05-15 
2 'Structure model' 1 1 2019-06-05 
3 'Structure model' 1 2 2019-07-24 
4 'Structure model' 1 3 2023-11-22 
# 
_pdbx_audit_revision_details.ordinal             1 
_pdbx_audit_revision_details.revision_ordinal    1 
_pdbx_audit_revision_details.data_content_type   'Structure model' 
_pdbx_audit_revision_details.provider            repository 
_pdbx_audit_revision_details.type                'Initial release' 
_pdbx_audit_revision_details.description         ? 
_pdbx_audit_revision_details.details             ? 
# 
loop_
_pdbx_audit_revision_group.ordinal 
_pdbx_audit_revision_group.revision_ordinal 
_pdbx_audit_revision_group.data_content_type 
_pdbx_audit_revision_group.group 
1 2 'Structure model' 'Data collection'        
2 2 'Structure model' 'Database references'    
3 3 'Structure model' 'Data collection'        
4 3 'Structure model' 'Database references'    
5 4 'Structure model' 'Data collection'        
6 4 'Structure model' 'Database references'    
7 4 'Structure model' 'Derived calculations'   
8 4 'Structure model' 'Refinement description' 
# 
loop_
_pdbx_audit_revision_category.ordinal 
_pdbx_audit_revision_category.revision_ordinal 
_pdbx_audit_revision_category.data_content_type 
_pdbx_audit_revision_category.category 
1  2 'Structure model' citation                      
2  2 'Structure model' citation_author               
3  3 'Structure model' citation                      
4  3 'Structure model' citation_author               
5  4 'Structure model' chem_comp_atom                
6  4 'Structure model' chem_comp_bond                
7  4 'Structure model' database_2                    
8  4 'Structure model' pdbx_initial_refinement_model 
9  4 'Structure model' pdbx_struct_conn_angle        
10 4 'Structure model' struct_conn                   
11 4 'Structure model' struct_conn_type              
# 
loop_
_pdbx_audit_revision_item.ordinal 
_pdbx_audit_revision_item.revision_ordinal 
_pdbx_audit_revision_item.data_content_type 
_pdbx_audit_revision_item.item 
1  2 'Structure model' '_citation.pdbx_database_id_DOI'             
2  2 'Structure model' '_citation.pdbx_database_id_PubMed'          
3  3 'Structure model' '_citation.journal_volume'                   
4  3 'Structure model' '_citation.page_first'                       
5  3 'Structure model' '_citation.page_last'                        
6  3 'Structure model' '_citation_author.name'                      
7  4 'Structure model' '_database_2.pdbx_DOI'                       
8  4 'Structure model' '_database_2.pdbx_database_accession'        
9  4 'Structure model' '_pdbx_struct_conn_angle.ptnr1_auth_seq_id'  
10 4 'Structure model' '_pdbx_struct_conn_angle.ptnr1_label_seq_id' 
11 4 'Structure model' '_pdbx_struct_conn_angle.ptnr3_auth_seq_id'  
12 4 'Structure model' '_pdbx_struct_conn_angle.ptnr3_label_seq_id' 
13 4 'Structure model' '_pdbx_struct_conn_angle.value'              
14 4 'Structure model' '_struct_conn.conn_type_id'                  
15 4 'Structure model' '_struct_conn.id'                            
16 4 'Structure model' '_struct_conn.pdbx_dist_value'               
17 4 'Structure model' '_struct_conn.pdbx_leaving_atom_flag'        
18 4 'Structure model' '_struct_conn.pdbx_ptnr1_label_alt_id'       
19 4 'Structure model' '_struct_conn.pdbx_ptnr2_label_alt_id'       
20 4 'Structure model' '_struct_conn.ptnr1_auth_comp_id'            
21 4 'Structure model' '_struct_conn.ptnr1_auth_seq_id'             
22 4 'Structure model' '_struct_conn.ptnr1_label_atom_id'           
23 4 'Structure model' '_struct_conn.ptnr1_label_comp_id'           
24 4 'Structure model' '_struct_conn.ptnr1_label_seq_id'            
25 4 'Structure model' '_struct_conn.ptnr2_auth_comp_id'            
26 4 'Structure model' '_struct_conn.ptnr2_auth_seq_id'             
27 4 'Structure model' '_struct_conn.ptnr2_label_asym_id'           
28 4 'Structure model' '_struct_conn.ptnr2_label_atom_id'           
29 4 'Structure model' '_struct_conn.ptnr2_label_comp_id'           
30 4 'Structure model' '_struct_conn.ptnr2_label_seq_id'            
31 4 'Structure model' '_struct_conn.ptnr2_symmetry'                
32 4 'Structure model' '_struct_conn_type.id'                       
# 
loop_
_software.citation_id 
_software.classification 
_software.compiler_name 
_software.compiler_version 
_software.contact_author 
_software.contact_author_email 
_software.date 
_software.description 
_software.dependencies 
_software.hardware 
_software.language 
_software.location 
_software.mods 
_software.name 
_software.os 
_software.os_version 
_software.type 
_software.version 
_software.pdbx_ordinal 
? refinement       ? ? ? ? ? ? ? ? ? ? ? PHENIX  ? ? ? '(1.10.1_2155: ???)' 1 
? 'data reduction' ? ? ? ? ? ? ? ? ? ? ? XDS     ? ? ? .                    2 
? 'data scaling'   ? ? ? ? ? ? ? ? ? ? ? Aimless ? ? ? .                    3 
? phasing          ? ? ? ? ? ? ? ? ? ? ? MOLREP  ? ? ? .                    4 
# 
loop_
_chem_comp_atom.comp_id 
_chem_comp_atom.atom_id 
_chem_comp_atom.type_symbol 
_chem_comp_atom.pdbx_aromatic_flag 
_chem_comp_atom.pdbx_stereo_config 
_chem_comp_atom.pdbx_ordinal 
AWC P      P  N N 1   
AWC "C5'"  C  N N 2   
AWC "O5'"  O  N N 3   
AWC "C4'"  C  N R 4   
AWC "O4'"  O  N N 5   
AWC "C3'"  C  N S 6   
AWC "O3'"  O  N N 7   
AWC "C2'"  C  N N 8   
AWC "C1'"  C  N R 9   
AWC N1     N  N N 10  
AWC C2     C  N N 11  
AWC O2     O  N N 12  
AWC N3     N  N N 13  
AWC C4     C  N N 14  
AWC O4     O  N N 15  
AWC C5     C  N N 16  
AWC C6     C  N N 17  
AWC OP1    O  N N 18  
AWC OP2    O  N N 19  
AWC C7     C  Y N 20  
AWC C8     C  Y N 21  
AWC C9     C  Y N 22  
AWC C10    C  Y N 23  
AWC SE     SE Y N 24  
AWC H5S    H  N N 25  
AWC "H5'"  H  N N 26  
AWC "H4'"  H  N N 27  
AWC "H3'"  H  N N 28  
AWC H1     H  N N 29  
AWC H5T    H  N N 30  
AWC "H2'"  H  N N 31  
AWC "H1'"  H  N N 32  
AWC H3     H  N N 33  
AWC H6     H  N N 34  
AWC H2     H  N N 35  
AWC H4     H  N N 36  
AWC H8     H  N N 37  
AWC H9     H  N N 38  
AWC H10    H  N N 39  
DA  OP3    O  N N 40  
DA  P      P  N N 41  
DA  OP1    O  N N 42  
DA  OP2    O  N N 43  
DA  "O5'"  O  N N 44  
DA  "C5'"  C  N N 45  
DA  "C4'"  C  N R 46  
DA  "O4'"  O  N N 47  
DA  "C3'"  C  N S 48  
DA  "O3'"  O  N N 49  
DA  "C2'"  C  N N 50  
DA  "C1'"  C  N R 51  
DA  N9     N  Y N 52  
DA  C8     C  Y N 53  
DA  N7     N  Y N 54  
DA  C5     C  Y N 55  
DA  C6     C  Y N 56  
DA  N6     N  N N 57  
DA  N1     N  Y N 58  
DA  C2     C  Y N 59  
DA  N3     N  Y N 60  
DA  C4     C  Y N 61  
DA  HOP3   H  N N 62  
DA  HOP2   H  N N 63  
DA  "H5'"  H  N N 64  
DA  "H5''" H  N N 65  
DA  "H4'"  H  N N 66  
DA  "H3'"  H  N N 67  
DA  "HO3'" H  N N 68  
DA  "H2'"  H  N N 69  
DA  "H2''" H  N N 70  
DA  "H1'"  H  N N 71  
DA  H8     H  N N 72  
DA  H61    H  N N 73  
DA  H62    H  N N 74  
DA  H2     H  N N 75  
DG  OP3    O  N N 76  
DG  P      P  N N 77  
DG  OP1    O  N N 78  
DG  OP2    O  N N 79  
DG  "O5'"  O  N N 80  
DG  "C5'"  C  N N 81  
DG  "C4'"  C  N R 82  
DG  "O4'"  O  N N 83  
DG  "C3'"  C  N S 84  
DG  "O3'"  O  N N 85  
DG  "C2'"  C  N N 86  
DG  "C1'"  C  N R 87  
DG  N9     N  Y N 88  
DG  C8     C  Y N 89  
DG  N7     N  Y N 90  
DG  C5     C  Y N 91  
DG  C6     C  N N 92  
DG  O6     O  N N 93  
DG  N1     N  N N 94  
DG  C2     C  N N 95  
DG  N2     N  N N 96  
DG  N3     N  N N 97  
DG  C4     C  Y N 98  
DG  HOP3   H  N N 99  
DG  HOP2   H  N N 100 
DG  "H5'"  H  N N 101 
DG  "H5''" H  N N 102 
DG  "H4'"  H  N N 103 
DG  "H3'"  H  N N 104 
DG  "HO3'" H  N N 105 
DG  "H2'"  H  N N 106 
DG  "H2''" H  N N 107 
DG  "H1'"  H  N N 108 
DG  H8     H  N N 109 
DG  H1     H  N N 110 
DG  H21    H  N N 111 
DG  H22    H  N N 112 
DT  OP3    O  N N 113 
DT  P      P  N N 114 
DT  OP1    O  N N 115 
DT  OP2    O  N N 116 
DT  "O5'"  O  N N 117 
DT  "C5'"  C  N N 118 
DT  "C4'"  C  N R 119 
DT  "O4'"  O  N N 120 
DT  "C3'"  C  N S 121 
DT  "O3'"  O  N N 122 
DT  "C2'"  C  N N 123 
DT  "C1'"  C  N R 124 
DT  N1     N  N N 125 
DT  C2     C  N N 126 
DT  O2     O  N N 127 
DT  N3     N  N N 128 
DT  C4     C  N N 129 
DT  O4     O  N N 130 
DT  C5     C  N N 131 
DT  C7     C  N N 132 
DT  C6     C  N N 133 
DT  HOP3   H  N N 134 
DT  HOP2   H  N N 135 
DT  "H5'"  H  N N 136 
DT  "H5''" H  N N 137 
DT  "H4'"  H  N N 138 
DT  "H3'"  H  N N 139 
DT  "HO3'" H  N N 140 
DT  "H2'"  H  N N 141 
DT  "H2''" H  N N 142 
DT  "H1'"  H  N N 143 
DT  H3     H  N N 144 
DT  H71    H  N N 145 
DT  H72    H  N N 146 
DT  H73    H  N N 147 
DT  H6     H  N N 148 
K   K      K  N N 149 
# 
loop_
_chem_comp_bond.comp_id 
_chem_comp_bond.atom_id_1 
_chem_comp_bond.atom_id_2 
_chem_comp_bond.value_order 
_chem_comp_bond.pdbx_aromatic_flag 
_chem_comp_bond.pdbx_stereo_config 
_chem_comp_bond.pdbx_ordinal 
AWC OP2   P      doub N N 1   
AWC "C5'" "O5'"  sing N N 2   
AWC "C5'" "C4'"  sing N N 3   
AWC "O3'" "C3'"  sing N N 4   
AWC "C3'" "C4'"  sing N N 5   
AWC "C3'" "C2'"  sing N N 6   
AWC P     "O5'"  sing N N 7   
AWC P     OP1    sing N N 8   
AWC "C4'" "O4'"  sing N N 9   
AWC "C2'" "C1'"  sing N N 10  
AWC "O4'" "C1'"  sing N N 11  
AWC "C1'" N1     sing N N 12  
AWC C8    C9     sing Y N 13  
AWC C8    C7     doub Y N 14  
AWC C6    N1     sing N N 15  
AWC C6    C5     doub N N 16  
AWC N1    C2     sing N N 17  
AWC C9    C10    doub Y N 18  
AWC C7    C5     sing N N 19  
AWC C7    SE     sing Y N 20  
AWC C5    C4     sing N N 21  
AWC C2    O2     doub N N 22  
AWC C2    N3     sing N N 23  
AWC C10   SE     sing Y N 24  
AWC C4    N3     sing N N 25  
AWC C4    O4     doub N N 26  
AWC "C5'" H5S    sing N N 27  
AWC "C5'" "H5'"  sing N N 28  
AWC "C4'" "H4'"  sing N N 29  
AWC "C3'" "H3'"  sing N N 30  
AWC "O3'" H1     sing N N 31  
AWC "C2'" H5T    sing N N 32  
AWC "C2'" "H2'"  sing N N 33  
AWC "C1'" "H1'"  sing N N 34  
AWC N3    H3     sing N N 35  
AWC C6    H6     sing N N 36  
AWC OP1   H2     sing N N 37  
AWC C8    H8     sing N N 38  
AWC C9    H9     sing N N 39  
AWC C10   H10    sing N N 40  
AWC P     H4     sing N N 41  
DA  OP3   P      sing N N 42  
DA  OP3   HOP3   sing N N 43  
DA  P     OP1    doub N N 44  
DA  P     OP2    sing N N 45  
DA  P     "O5'"  sing N N 46  
DA  OP2   HOP2   sing N N 47  
DA  "O5'" "C5'"  sing N N 48  
DA  "C5'" "C4'"  sing N N 49  
DA  "C5'" "H5'"  sing N N 50  
DA  "C5'" "H5''" sing N N 51  
DA  "C4'" "O4'"  sing N N 52  
DA  "C4'" "C3'"  sing N N 53  
DA  "C4'" "H4'"  sing N N 54  
DA  "O4'" "C1'"  sing N N 55  
DA  "C3'" "O3'"  sing N N 56  
DA  "C3'" "C2'"  sing N N 57  
DA  "C3'" "H3'"  sing N N 58  
DA  "O3'" "HO3'" sing N N 59  
DA  "C2'" "C1'"  sing N N 60  
DA  "C2'" "H2'"  sing N N 61  
DA  "C2'" "H2''" sing N N 62  
DA  "C1'" N9     sing N N 63  
DA  "C1'" "H1'"  sing N N 64  
DA  N9    C8     sing Y N 65  
DA  N9    C4     sing Y N 66  
DA  C8    N7     doub Y N 67  
DA  C8    H8     sing N N 68  
DA  N7    C5     sing Y N 69  
DA  C5    C6     sing Y N 70  
DA  C5    C4     doub Y N 71  
DA  C6    N6     sing N N 72  
DA  C6    N1     doub Y N 73  
DA  N6    H61    sing N N 74  
DA  N6    H62    sing N N 75  
DA  N1    C2     sing Y N 76  
DA  C2    N3     doub Y N 77  
DA  C2    H2     sing N N 78  
DA  N3    C4     sing Y N 79  
DG  OP3   P      sing N N 80  
DG  OP3   HOP3   sing N N 81  
DG  P     OP1    doub N N 82  
DG  P     OP2    sing N N 83  
DG  P     "O5'"  sing N N 84  
DG  OP2   HOP2   sing N N 85  
DG  "O5'" "C5'"  sing N N 86  
DG  "C5'" "C4'"  sing N N 87  
DG  "C5'" "H5'"  sing N N 88  
DG  "C5'" "H5''" sing N N 89  
DG  "C4'" "O4'"  sing N N 90  
DG  "C4'" "C3'"  sing N N 91  
DG  "C4'" "H4'"  sing N N 92  
DG  "O4'" "C1'"  sing N N 93  
DG  "C3'" "O3'"  sing N N 94  
DG  "C3'" "C2'"  sing N N 95  
DG  "C3'" "H3'"  sing N N 96  
DG  "O3'" "HO3'" sing N N 97  
DG  "C2'" "C1'"  sing N N 98  
DG  "C2'" "H2'"  sing N N 99  
DG  "C2'" "H2''" sing N N 100 
DG  "C1'" N9     sing N N 101 
DG  "C1'" "H1'"  sing N N 102 
DG  N9    C8     sing Y N 103 
DG  N9    C4     sing Y N 104 
DG  C8    N7     doub Y N 105 
DG  C8    H8     sing N N 106 
DG  N7    C5     sing Y N 107 
DG  C5    C6     sing N N 108 
DG  C5    C4     doub Y N 109 
DG  C6    O6     doub N N 110 
DG  C6    N1     sing N N 111 
DG  N1    C2     sing N N 112 
DG  N1    H1     sing N N 113 
DG  C2    N2     sing N N 114 
DG  C2    N3     doub N N 115 
DG  N2    H21    sing N N 116 
DG  N2    H22    sing N N 117 
DG  N3    C4     sing N N 118 
DT  OP3   P      sing N N 119 
DT  OP3   HOP3   sing N N 120 
DT  P     OP1    doub N N 121 
DT  P     OP2    sing N N 122 
DT  P     "O5'"  sing N N 123 
DT  OP2   HOP2   sing N N 124 
DT  "O5'" "C5'"  sing N N 125 
DT  "C5'" "C4'"  sing N N 126 
DT  "C5'" "H5'"  sing N N 127 
DT  "C5'" "H5''" sing N N 128 
DT  "C4'" "O4'"  sing N N 129 
DT  "C4'" "C3'"  sing N N 130 
DT  "C4'" "H4'"  sing N N 131 
DT  "O4'" "C1'"  sing N N 132 
DT  "C3'" "O3'"  sing N N 133 
DT  "C3'" "C2'"  sing N N 134 
DT  "C3'" "H3'"  sing N N 135 
DT  "O3'" "HO3'" sing N N 136 
DT  "C2'" "C1'"  sing N N 137 
DT  "C2'" "H2'"  sing N N 138 
DT  "C2'" "H2''" sing N N 139 
DT  "C1'" N1     sing N N 140 
DT  "C1'" "H1'"  sing N N 141 
DT  N1    C2     sing N N 142 
DT  N1    C6     sing N N 143 
DT  C2    O2     doub N N 144 
DT  C2    N3     sing N N 145 
DT  N3    C4     sing N N 146 
DT  N3    H3     sing N N 147 
DT  C4    O4     doub N N 148 
DT  C4    C5     sing N N 149 
DT  C5    C7     sing N N 150 
DT  C5    C6     doub N N 151 
DT  C7    H71    sing N N 152 
DT  C7    H72    sing N N 153 
DT  C7    H73    sing N N 154 
DT  C6    H6     sing N N 155 
# 
loop_
_ndb_struct_conf_na.entry_id 
_ndb_struct_conf_na.feature 
6ISW 'double helix'        
6ISW 'z-form double helix' 
6ISW 'quadruple helix'     
# 
loop_
_ndb_struct_na_base_pair.model_number 
_ndb_struct_na_base_pair.i_label_asym_id 
_ndb_struct_na_base_pair.i_label_comp_id 
_ndb_struct_na_base_pair.i_label_seq_id 
_ndb_struct_na_base_pair.i_symmetry 
_ndb_struct_na_base_pair.j_label_asym_id 
_ndb_struct_na_base_pair.j_label_comp_id 
_ndb_struct_na_base_pair.j_label_seq_id 
_ndb_struct_na_base_pair.j_symmetry 
_ndb_struct_na_base_pair.shear 
_ndb_struct_na_base_pair.stretch 
_ndb_struct_na_base_pair.stagger 
_ndb_struct_na_base_pair.buckle 
_ndb_struct_na_base_pair.propeller 
_ndb_struct_na_base_pair.opening 
_ndb_struct_na_base_pair.pair_number 
_ndb_struct_na_base_pair.pair_name 
_ndb_struct_na_base_pair.i_auth_asym_id 
_ndb_struct_na_base_pair.i_auth_seq_id 
_ndb_struct_na_base_pair.i_PDB_ins_code 
_ndb_struct_na_base_pair.j_auth_asym_id 
_ndb_struct_na_base_pair.j_auth_seq_id 
_ndb_struct_na_base_pair.j_PDB_ins_code 
_ndb_struct_na_base_pair.hbond_type_28 
_ndb_struct_na_base_pair.hbond_type_12 
1 A DG 22 1_555 A DG 16 1_555 1.925  -3.255 0.113  13.254 13.248 -87.779 1 A_DG22:DG16_A A 22 ? A 16 ? 6 3 
1 A DG 21 1_555 A DG 15 1_555 1.789  -3.293 0.187  9.479  8.007  -93.310 2 A_DG21:DG15_A A 21 ? A 15 ? 6 3 
1 A DG 2  1_555 A DG 20 1_555 1.679  -3.503 -0.074 0.011  2.091  -90.079 3 A_DG2:DG20_A  A 2  ? A 20 ? 6 3 
1 A DG 8  1_555 A DG 14 1_555 1.469  3.619  -0.199 7.141  -5.165 -92.182 4 A_DG8:DG14_A  A 8  ? A 14 ? 6 3 
1 A DG 9  1_555 A DG 3  1_555 -1.900 -3.435 0.070  -7.936 9.750  87.546  5 A_DG9:DG3_A   A 9  ? A 3  ? 6 3 
# 
loop_
_ndb_struct_na_base_pair_step.model_number 
_ndb_struct_na_base_pair_step.i_label_asym_id_1 
_ndb_struct_na_base_pair_step.i_label_comp_id_1 
_ndb_struct_na_base_pair_step.i_label_seq_id_1 
_ndb_struct_na_base_pair_step.i_symmetry_1 
_ndb_struct_na_base_pair_step.j_label_asym_id_1 
_ndb_struct_na_base_pair_step.j_label_comp_id_1 
_ndb_struct_na_base_pair_step.j_label_seq_id_1 
_ndb_struct_na_base_pair_step.j_symmetry_1 
_ndb_struct_na_base_pair_step.i_label_asym_id_2 
_ndb_struct_na_base_pair_step.i_label_comp_id_2 
_ndb_struct_na_base_pair_step.i_label_seq_id_2 
_ndb_struct_na_base_pair_step.i_symmetry_2 
_ndb_struct_na_base_pair_step.j_label_asym_id_2 
_ndb_struct_na_base_pair_step.j_label_comp_id_2 
_ndb_struct_na_base_pair_step.j_label_seq_id_2 
_ndb_struct_na_base_pair_step.j_symmetry_2 
_ndb_struct_na_base_pair_step.shift 
_ndb_struct_na_base_pair_step.slide 
_ndb_struct_na_base_pair_step.rise 
_ndb_struct_na_base_pair_step.tilt 
_ndb_struct_na_base_pair_step.roll 
_ndb_struct_na_base_pair_step.twist 
_ndb_struct_na_base_pair_step.x_displacement 
_ndb_struct_na_base_pair_step.y_displacement 
_ndb_struct_na_base_pair_step.helical_rise 
_ndb_struct_na_base_pair_step.inclination 
_ndb_struct_na_base_pair_step.tip 
_ndb_struct_na_base_pair_step.helical_twist 
_ndb_struct_na_base_pair_step.step_number 
_ndb_struct_na_base_pair_step.step_name 
_ndb_struct_na_base_pair_step.i_auth_asym_id_1 
_ndb_struct_na_base_pair_step.i_auth_seq_id_1 
_ndb_struct_na_base_pair_step.i_PDB_ins_code_1 
_ndb_struct_na_base_pair_step.j_auth_asym_id_1 
_ndb_struct_na_base_pair_step.j_auth_seq_id_1 
_ndb_struct_na_base_pair_step.j_PDB_ins_code_1 
_ndb_struct_na_base_pair_step.i_auth_asym_id_2 
_ndb_struct_na_base_pair_step.i_auth_seq_id_2 
_ndb_struct_na_base_pair_step.i_PDB_ins_code_2 
_ndb_struct_na_base_pair_step.j_auth_asym_id_2 
_ndb_struct_na_base_pair_step.j_auth_seq_id_2 
_ndb_struct_na_base_pair_step.j_PDB_ins_code_2 
1 A DG 22 1_555 A DG 16 1_555 A DG 21 1_555 A DG 15 1_555 -0.935 0.482  3.312 -1.630 -2.702 25.785  1.826  1.625 3.296 -6.027 
3.635 25.974  1 AA_DG22DG21:DG15DG16_AA A 22 ? A 16 ? A 21 ? A 15 ? 
1 A DG 21 1_555 A DG 15 1_555 A DG 2  1_555 A DG 20 1_555 0.937  -2.074 3.158 5.185  -2.788 -60.578 2.174  1.160 2.987 2.756  
5.126 -60.837 2 AA_DG21DG2:DG20DG15_AA  A 21 ? A 15 ? A 2  ? A 20 ? 
1 A DG 8  1_555 A DG 14 1_555 A DG 9  1_555 A DG 3  1_555 0.890  2.070  3.199 6.158  -1.029 -61.582 -1.967 1.143 3.137 1.002  
5.998 -61.867 3 AA_DG8DG9:DG3DG14_AA    A 8  ? A 14 ? A 9  ? A 3  ? 
# 
_pdbx_audit_support.funding_organization   'Wellcome Trust' 
_pdbx_audit_support.country                India 
_pdbx_audit_support.grant_number           IA/S/16/1/502360 
_pdbx_audit_support.ordinal                1 
# 
_pdbx_entity_nonpoly.entity_id   2 
_pdbx_entity_nonpoly.name        'POTASSIUM ION' 
_pdbx_entity_nonpoly.comp_id     K 
# 
_pdbx_initial_refinement_model.id               1 
_pdbx_initial_refinement_model.entity_id_list   ? 
_pdbx_initial_refinement_model.type             'experimental model' 
_pdbx_initial_refinement_model.source_name      PDB 
_pdbx_initial_refinement_model.accession_code   1KF1 
_pdbx_initial_refinement_model.details          ? 
# 
_pdbx_struct_assembly_auth_evidence.id                     1 
_pdbx_struct_assembly_auth_evidence.assembly_id            1 
_pdbx_struct_assembly_auth_evidence.experimental_support   none 
_pdbx_struct_assembly_auth_evidence.details                ? 
# 
